data_2RMG
#
_entry.id   2RMG
#
_entity_poly.entity_id   1
_entity_poly.type   'polypeptide(L)'
_entity_poly.pdbx_seq_one_letter_code
;IVLSLDVPIGLLQILLEQARARAAREQATTNARILARV
;
_entity_poly.pdbx_strand_id   A
#
# COMPACT_ATOMS: atom_id res chain seq x y z
N ILE A 1 12.01 -7.30 -8.17
CA ILE A 1 11.36 -6.43 -9.21
C ILE A 1 12.39 -5.72 -10.08
N VAL A 2 13.15 -4.80 -9.49
CA VAL A 2 14.18 -4.05 -10.23
C VAL A 2 15.55 -4.69 -10.06
N LEU A 3 16.10 -4.65 -8.83
CA LEU A 3 17.40 -5.23 -8.56
C LEU A 3 17.32 -6.32 -7.48
N SER A 4 17.35 -5.91 -6.21
CA SER A 4 17.28 -6.83 -5.09
C SER A 4 16.14 -6.47 -4.14
N LEU A 5 16.32 -5.37 -3.41
CA LEU A 5 15.33 -4.91 -2.45
C LEU A 5 15.27 -5.85 -1.24
N ASP A 6 16.27 -6.72 -1.09
CA ASP A 6 16.32 -7.66 0.02
C ASP A 6 16.83 -6.97 1.28
N VAL A 7 18.00 -6.33 1.19
CA VAL A 7 18.57 -5.62 2.33
C VAL A 7 17.53 -4.66 2.93
N PRO A 8 16.92 -3.78 2.10
CA PRO A 8 15.89 -2.85 2.57
C PRO A 8 14.50 -3.44 2.54
N ILE A 9 14.39 -4.67 3.02
CA ILE A 9 13.11 -5.35 3.08
C ILE A 9 12.17 -4.61 4.03
N GLY A 10 12.74 -3.87 4.98
CA GLY A 10 11.93 -3.09 5.90
C GLY A 10 11.25 -1.94 5.20
N LEU A 11 11.92 -1.37 4.20
CA LEU A 11 11.36 -0.27 3.41
C LEU A 11 10.08 -0.70 2.71
N LEU A 12 10.04 -1.97 2.29
CA LEU A 12 8.86 -2.52 1.63
C LEU A 12 7.91 -3.17 2.63
N GLN A 13 8.45 -3.66 3.75
CA GLN A 13 7.63 -4.27 4.79
C GLN A 13 6.75 -3.20 5.42
N ILE A 14 7.33 -2.00 5.59
CA ILE A 14 6.60 -0.87 6.15
C ILE A 14 5.31 -0.63 5.37
N LEU A 15 5.40 -0.74 4.04
CA LEU A 15 4.24 -0.56 3.18
C LEU A 15 3.15 -1.60 3.48
N LEU A 16 3.49 -2.61 4.29
CA LEU A 16 2.54 -3.65 4.67
C LEU A 16 2.38 -3.74 6.19
N GLU A 17 3.09 -2.86 6.92
CA GLU A 17 3.03 -2.85 8.37
C GLU A 17 2.22 -1.67 8.88
N GLN A 18 2.59 -0.46 8.45
CA GLN A 18 1.86 0.73 8.87
C GLN A 18 0.89 1.19 7.80
N ALA A 19 0.86 0.45 6.69
CA ALA A 19 -0.06 0.76 5.61
C ALA A 19 -1.39 0.01 5.82
N ARG A 20 -1.38 -0.97 6.74
CA ARG A 20 -2.58 -1.74 7.03
C ARG A 20 -3.75 -0.81 7.40
N ALA A 21 -3.60 -0.12 8.53
CA ALA A 21 -4.64 0.82 8.99
C ALA A 21 -4.65 2.11 8.18
N ARG A 22 -3.69 2.27 7.28
CA ARG A 22 -3.63 3.45 6.44
C ARG A 22 -4.31 3.17 5.10
N ALA A 23 -4.01 2.01 4.53
CA ALA A 23 -4.59 1.59 3.27
C ALA A 23 -6.01 1.04 3.49
N ALA A 24 -6.33 0.61 4.71
CA ALA A 24 -7.66 0.08 5.00
C ALA A 24 -8.72 1.14 4.77
N ARG A 25 -8.37 2.40 5.04
CA ARG A 25 -9.31 3.50 4.83
C ARG A 25 -9.35 3.92 3.37
N GLU A 26 -8.35 3.49 2.61
CA GLU A 26 -8.26 3.82 1.19
C GLU A 26 -8.72 2.66 0.32
N GLN A 27 -8.40 1.44 0.74
CA GLN A 27 -8.79 0.24 0.01
C GLN A 27 -10.30 0.20 -0.23
N ALA A 28 -11.06 0.70 0.74
CA ALA A 28 -12.52 0.73 0.64
C ALA A 28 -13.01 1.91 -0.19
N THR A 29 -12.36 3.05 -0.01
CA THR A 29 -12.72 4.27 -0.74
C THR A 29 -12.17 4.24 -2.16
N THR A 30 -10.88 3.92 -2.31
CA THR A 30 -10.26 3.85 -3.63
C THR A 30 -11.00 2.88 -4.54
N ASN A 31 -11.41 1.73 -3.99
CA ASN A 31 -12.14 0.73 -4.75
C ASN A 31 -13.40 1.37 -5.35
N ALA A 32 -14.20 2.00 -4.48
CA ALA A 32 -15.40 2.69 -4.93
C ALA A 32 -15.04 3.90 -5.77
N ARG A 33 -13.90 4.52 -5.47
CA ARG A 33 -13.43 5.68 -6.22
C ARG A 33 -13.17 5.29 -7.67
N ILE A 34 -12.67 4.08 -7.89
CA ILE A 34 -12.40 3.61 -9.24
C ILE A 34 -13.68 3.53 -10.07
N LEU A 35 -14.74 3.01 -9.46
CA LEU A 35 -16.03 2.88 -10.13
C LEU A 35 -16.93 4.09 -9.84
N ALA A 36 -16.52 4.95 -8.91
CA ALA A 36 -17.31 6.13 -8.55
C ALA A 36 -16.41 7.24 -8.00
N ARG A 37 -15.42 7.64 -8.79
CA ARG A 37 -14.46 8.66 -8.42
C ARG A 37 -15.13 10.02 -8.14
N VAL A 38 -16.26 10.25 -8.80
CA VAL A 38 -17.01 11.50 -8.64
C VAL A 38 -18.51 11.23 -8.49
N ILE A 1 20.90 -0.93 -9.06
CA ILE A 1 21.69 -0.40 -7.91
C ILE A 1 22.68 -1.45 -7.40
N VAL A 2 22.18 -2.48 -6.72
CA VAL A 2 23.03 -3.54 -6.18
C VAL A 2 22.64 -4.90 -6.77
N LEU A 3 21.56 -5.50 -6.24
CA LEU A 3 21.09 -6.79 -6.72
C LEU A 3 19.61 -6.70 -7.11
N SER A 4 18.73 -6.54 -6.13
CA SER A 4 17.31 -6.44 -6.37
C SER A 4 16.62 -5.54 -5.33
N LEU A 5 16.29 -6.12 -4.18
CA LEU A 5 15.64 -5.38 -3.09
C LEU A 5 15.36 -6.27 -1.87
N ASP A 6 16.30 -7.19 -1.58
CA ASP A 6 16.17 -8.10 -0.44
C ASP A 6 16.61 -7.41 0.85
N VAL A 7 17.83 -6.87 0.85
CA VAL A 7 18.37 -6.17 2.02
C VAL A 7 17.34 -5.19 2.58
N PRO A 8 16.74 -4.33 1.72
CA PRO A 8 15.73 -3.37 2.16
C PRO A 8 14.33 -3.96 2.23
N ILE A 9 14.23 -5.12 2.83
CA ILE A 9 12.95 -5.78 2.99
C ILE A 9 12.05 -4.98 3.93
N GLY A 10 12.67 -4.16 4.78
CA GLY A 10 11.89 -3.32 5.68
C GLY A 10 11.20 -2.21 4.93
N LEU A 11 11.85 -1.70 3.88
CA LEU A 11 11.29 -0.65 3.05
C LEU A 11 9.98 -1.10 2.41
N LEU A 12 9.93 -2.38 2.05
CA LEU A 12 8.73 -2.96 1.44
C LEU A 12 7.78 -3.51 2.51
N GLN A 13 8.34 -3.92 3.65
CA GLN A 13 7.54 -4.42 4.74
C GLN A 13 6.70 -3.29 5.31
N ILE A 14 7.30 -2.10 5.40
CA ILE A 14 6.61 -0.93 5.90
C ILE A 14 5.42 -0.58 5.02
N LEU A 15 5.62 -0.66 3.71
CA LEU A 15 4.56 -0.38 2.75
C LEU A 15 3.40 -1.37 2.90
N LEU A 16 3.61 -2.43 3.69
CA LEU A 16 2.57 -3.43 3.93
C LEU A 16 2.31 -3.60 5.43
N GLU A 17 2.97 -2.78 6.26
CA GLU A 17 2.82 -2.84 7.71
C GLU A 17 2.08 -1.62 8.21
N GLN A 18 2.60 -0.44 7.90
CA GLN A 18 1.96 0.81 8.31
C GLN A 18 1.02 1.33 7.24
N ALA A 19 1.00 0.65 6.10
CA ALA A 19 0.12 1.01 5.02
C ALA A 19 -1.22 0.29 5.17
N ARG A 20 -1.26 -0.72 6.05
CA ARG A 20 -2.49 -1.48 6.29
C ARG A 20 -3.61 -0.54 6.72
N ALA A 21 -3.42 0.13 7.86
CA ALA A 21 -4.40 1.08 8.37
C ALA A 21 -4.49 2.32 7.47
N ARG A 22 -3.51 2.49 6.59
CA ARG A 22 -3.50 3.62 5.67
C ARG A 22 -4.31 3.29 4.43
N ALA A 23 -4.05 2.13 3.86
CA ALA A 23 -4.78 1.66 2.68
C ALA A 23 -6.17 1.16 3.06
N ALA A 24 -6.36 0.80 4.33
CA ALA A 24 -7.66 0.32 4.79
C ALA A 24 -8.71 1.40 4.61
N ARG A 25 -8.32 2.65 4.78
CA ARG A 25 -9.26 3.77 4.60
C ARG A 25 -9.36 4.15 3.12
N GLU A 26 -8.44 3.66 2.31
CA GLU A 26 -8.44 3.94 0.88
C GLU A 26 -9.10 2.81 0.12
N GLN A 27 -8.83 1.57 0.54
CA GLN A 27 -9.40 0.39 -0.09
C GLN A 27 -10.92 0.49 -0.18
N ALA A 28 -11.52 1.09 0.84
CA ALA A 28 -12.97 1.27 0.88
C ALA A 28 -13.38 2.54 0.13
N THR A 29 -12.52 3.55 0.21
CA THR A 29 -12.75 4.82 -0.45
C THR A 29 -12.55 4.70 -1.96
N THR A 30 -11.43 4.10 -2.36
CA THR A 30 -11.16 3.89 -3.79
C THR A 30 -12.21 2.99 -4.40
N ASN A 31 -12.59 1.92 -3.69
CA ASN A 31 -13.61 1.00 -4.15
C ASN A 31 -14.86 1.80 -4.52
N ALA A 32 -15.31 2.64 -3.59
CA ALA A 32 -16.47 3.49 -3.81
C ALA A 32 -16.17 4.47 -4.93
N ARG A 33 -14.94 4.99 -4.94
CA ARG A 33 -14.52 5.92 -5.98
C ARG A 33 -14.55 5.24 -7.35
N ILE A 34 -14.24 3.94 -7.37
CA ILE A 34 -14.26 3.19 -8.62
C ILE A 34 -15.67 3.05 -9.16
N LEU A 35 -16.62 2.79 -8.26
CA LEU A 35 -18.02 2.64 -8.64
C LEU A 35 -18.78 3.98 -8.57
N ALA A 36 -18.16 5.00 -7.97
CA ALA A 36 -18.78 6.32 -7.83
C ALA A 36 -17.71 7.38 -7.57
N ARG A 37 -16.77 7.49 -8.50
CA ARG A 37 -15.66 8.43 -8.37
C ARG A 37 -16.10 9.86 -8.08
N VAL A 38 -16.83 10.44 -9.01
CA VAL A 38 -17.31 11.83 -8.88
C VAL A 38 -16.15 12.76 -8.52
N ILE A 1 18.82 -1.00 -6.06
CA ILE A 1 20.15 -0.44 -5.73
C ILE A 1 21.29 -1.36 -6.17
N VAL A 2 21.50 -2.46 -5.44
CA VAL A 2 22.54 -3.43 -5.77
C VAL A 2 22.03 -4.50 -6.73
N LEU A 3 21.09 -5.31 -6.26
CA LEU A 3 20.50 -6.38 -7.08
C LEU A 3 19.02 -6.09 -7.36
N SER A 4 18.19 -6.12 -6.31
CA SER A 4 16.76 -5.87 -6.46
C SER A 4 16.23 -5.06 -5.26
N LEU A 5 15.87 -5.75 -4.18
CA LEU A 5 15.35 -5.10 -2.99
C LEU A 5 15.14 -6.09 -1.83
N ASP A 6 16.03 -7.08 -1.72
CA ASP A 6 15.95 -8.08 -0.64
C ASP A 6 16.45 -7.50 0.67
N VAL A 7 17.69 -6.97 0.67
CA VAL A 7 18.27 -6.36 1.86
C VAL A 7 17.28 -5.40 2.52
N PRO A 8 16.72 -4.43 1.74
CA PRO A 8 15.75 -3.48 2.26
C PRO A 8 14.33 -4.03 2.28
N ILE A 9 14.19 -5.24 2.81
CA ILE A 9 12.90 -5.88 2.90
C ILE A 9 11.98 -5.10 3.85
N GLY A 10 12.60 -4.34 4.77
CA GLY A 10 11.81 -3.54 5.69
C GLY A 10 11.17 -2.36 4.98
N LEU A 11 11.90 -1.81 4.00
CA LEU A 11 11.39 -0.68 3.21
C LEU A 11 10.12 -1.07 2.47
N LEU A 12 10.06 -2.33 2.04
CA LEU A 12 8.88 -2.83 1.32
C LEU A 12 7.86 -3.43 2.30
N GLN A 13 8.34 -3.95 3.43
CA GLN A 13 7.46 -4.51 4.44
C GLN A 13 6.60 -3.41 5.02
N ILE A 14 7.23 -2.25 5.21
CA ILE A 14 6.52 -1.08 5.75
C ILE A 14 5.30 -0.74 4.91
N LEU A 15 5.43 -0.85 3.59
CA LEU A 15 4.33 -0.58 2.68
C LEU A 15 3.15 -1.55 2.91
N LEU A 16 3.38 -2.60 3.71
CA LEU A 16 2.32 -3.56 4.02
C LEU A 16 2.17 -3.72 5.54
N GLU A 17 2.92 -2.92 6.30
CA GLU A 17 2.87 -2.97 7.75
C GLU A 17 2.16 -1.75 8.31
N GLN A 18 2.65 -0.56 7.95
CA GLN A 18 2.03 0.67 8.42
C GLN A 18 1.09 1.24 7.35
N ALA A 19 1.03 0.57 6.21
CA ALA A 19 0.15 0.99 5.13
C ALA A 19 -1.22 0.32 5.28
N ARG A 20 -1.32 -0.67 6.18
CA ARG A 20 -2.59 -1.35 6.42
C ARG A 20 -3.65 -0.35 6.86
N ALA A 21 -3.44 0.24 8.03
CA ALA A 21 -4.37 1.25 8.56
C ALA A 21 -4.42 2.49 7.67
N ARG A 22 -3.45 2.62 6.78
CA ARG A 22 -3.39 3.73 5.86
C ARG A 22 -4.20 3.42 4.60
N ALA A 23 -3.93 2.26 4.02
CA ALA A 23 -4.64 1.81 2.83
C ALA A 23 -6.04 1.29 3.19
N ALA A 24 -6.26 0.97 4.47
CA ALA A 24 -7.56 0.48 4.91
C ALA A 24 -8.62 1.55 4.69
N ARG A 25 -8.25 2.81 4.87
CA ARG A 25 -9.18 3.91 4.64
C ARG A 25 -9.31 4.21 3.15
N GLU A 26 -8.34 3.76 2.38
CA GLU A 26 -8.32 3.99 0.95
C GLU A 26 -8.98 2.83 0.21
N GLN A 27 -8.71 1.62 0.66
CA GLN A 27 -9.28 0.42 0.06
C GLN A 27 -10.80 0.51 -0.03
N ALA A 28 -11.40 1.14 0.98
CA ALA A 28 -12.85 1.31 1.02
C ALA A 28 -13.27 2.56 0.25
N THR A 29 -12.44 3.58 0.30
CA THR A 29 -12.70 4.84 -0.40
C THR A 29 -12.47 4.68 -1.90
N THR A 30 -11.33 4.11 -2.28
CA THR A 30 -11.02 3.89 -3.68
C THR A 30 -12.05 2.95 -4.30
N ASN A 31 -12.42 1.88 -3.58
CA ASN A 31 -13.42 0.95 -4.06
C ASN A 31 -14.68 1.70 -4.48
N ALA A 32 -15.13 2.61 -3.61
CA ALA A 32 -16.29 3.43 -3.90
C ALA A 32 -15.99 4.38 -5.04
N ARG A 33 -14.84 5.03 -4.97
CA ARG A 33 -14.42 5.95 -6.02
C ARG A 33 -14.31 5.22 -7.36
N ILE A 34 -13.90 3.96 -7.31
CA ILE A 34 -13.79 3.16 -8.53
C ILE A 34 -15.16 2.90 -9.14
N LEU A 35 -16.15 2.62 -8.29
CA LEU A 35 -17.52 2.36 -8.75
C LEU A 35 -18.35 3.65 -8.81
N ALA A 36 -17.84 4.74 -8.23
CA ALA A 36 -18.53 6.03 -8.22
C ALA A 36 -17.54 7.16 -7.91
N ARG A 37 -16.56 7.32 -8.78
CA ARG A 37 -15.51 8.33 -8.62
C ARG A 37 -16.06 9.72 -8.31
N VAL A 38 -16.84 10.25 -9.25
CA VAL A 38 -17.43 11.60 -9.12
C VAL A 38 -16.38 12.69 -9.36
N ILE A 1 18.29 -2.07 -5.62
CA ILE A 1 19.45 -1.22 -5.97
C ILE A 1 20.63 -2.05 -6.50
N VAL A 2 21.33 -2.74 -5.59
CA VAL A 2 22.47 -3.58 -5.99
C VAL A 2 21.99 -4.80 -6.77
N LEU A 3 21.11 -5.59 -6.16
CA LEU A 3 20.56 -6.78 -6.81
C LEU A 3 19.08 -6.55 -7.15
N SER A 4 18.25 -6.37 -6.13
CA SER A 4 16.83 -6.13 -6.33
C SER A 4 16.27 -5.24 -5.21
N LEU A 5 15.89 -5.86 -4.08
CA LEU A 5 15.34 -5.14 -2.94
C LEU A 5 15.07 -6.07 -1.75
N ASP A 6 15.91 -7.10 -1.59
CA ASP A 6 15.77 -8.05 -0.49
C ASP A 6 16.35 -7.47 0.80
N VAL A 7 17.62 -7.06 0.75
CA VAL A 7 18.29 -6.48 1.92
C VAL A 7 17.35 -5.48 2.63
N PRO A 8 16.76 -4.52 1.88
CA PRO A 8 15.83 -3.55 2.44
C PRO A 8 14.42 -4.08 2.56
N ILE A 9 14.30 -5.29 3.12
CA ILE A 9 13.01 -5.91 3.30
C ILE A 9 12.15 -5.09 4.25
N GLY A 10 12.81 -4.34 5.14
CA GLY A 10 12.07 -3.49 6.06
C GLY A 10 11.43 -2.32 5.35
N LEU A 11 12.14 -1.78 4.37
CA LEU A 11 11.64 -0.66 3.57
C LEU A 11 10.36 -1.05 2.86
N LEU A 12 10.31 -2.30 2.40
CA LEU A 12 9.13 -2.82 1.71
C LEU A 12 8.11 -3.36 2.71
N GLN A 13 8.59 -3.76 3.89
CA GLN A 13 7.71 -4.26 4.94
C GLN A 13 6.85 -3.13 5.46
N ILE A 14 7.46 -1.95 5.59
CA ILE A 14 6.73 -0.77 6.04
C ILE A 14 5.59 -0.43 5.09
N LEU A 15 5.85 -0.55 3.80
CA LEU A 15 4.85 -0.29 2.78
C LEU A 15 3.67 -1.27 2.88
N LEU A 16 3.83 -2.32 3.71
CA LEU A 16 2.78 -3.30 3.91
C LEU A 16 2.44 -3.46 5.39
N GLU A 17 3.08 -2.65 6.24
CA GLU A 17 2.85 -2.69 7.67
C GLU A 17 2.10 -1.44 8.11
N GLN A 18 2.66 -0.27 7.78
CA GLN A 18 2.01 0.99 8.12
C GLN A 18 1.02 1.41 7.05
N ALA A 19 1.05 0.69 5.92
CA ALA A 19 0.12 0.94 4.84
C ALA A 19 -1.21 0.23 5.11
N ARG A 20 -1.19 -0.73 6.05
CA ARG A 20 -2.40 -1.47 6.42
C ARG A 20 -3.53 -0.51 6.75
N ALA A 21 -3.34 0.27 7.82
CA ALA A 21 -4.34 1.25 8.25
C ALA A 21 -4.40 2.45 7.31
N ARG A 22 -3.44 2.55 6.38
CA ARG A 22 -3.39 3.63 5.42
C ARG A 22 -4.20 3.27 4.18
N ALA A 23 -3.98 2.06 3.68
CA ALA A 23 -4.70 1.56 2.52
C ALA A 23 -6.10 1.10 2.91
N ALA A 24 -6.32 0.78 4.18
CA ALA A 24 -7.62 0.35 4.66
C ALA A 24 -8.66 1.43 4.41
N ARG A 25 -8.24 2.69 4.55
CA ARG A 25 -9.14 3.82 4.32
C ARG A 25 -9.25 4.15 2.83
N GLU A 26 -8.34 3.60 2.04
CA GLU A 26 -8.32 3.83 0.61
C GLU A 26 -8.94 2.66 -0.15
N GLN A 27 -8.67 1.46 0.32
CA GLN A 27 -9.21 0.24 -0.28
C GLN A 27 -10.72 0.35 -0.44
N ALA A 28 -11.36 0.96 0.56
CA ALA A 28 -12.81 1.15 0.53
C ALA A 28 -13.17 2.39 -0.28
N THR A 29 -12.28 3.38 -0.24
CA THR A 29 -12.46 4.63 -0.97
C THR A 29 -12.28 4.39 -2.46
N THR A 30 -11.17 3.74 -2.83
CA THR A 30 -10.90 3.43 -4.24
C THR A 30 -12.01 2.55 -4.81
N ASN A 31 -12.47 1.58 -4.01
CA ASN A 31 -13.54 0.69 -4.42
C ASN A 31 -14.80 1.51 -4.72
N ALA A 32 -15.17 2.37 -3.77
CA ALA A 32 -16.32 3.25 -3.93
C ALA A 32 -16.07 4.25 -5.05
N ARG A 33 -14.84 4.72 -5.17
CA ARG A 33 -14.46 5.67 -6.20
C ARG A 33 -14.74 5.09 -7.59
N ILE A 34 -14.57 3.79 -7.73
CA ILE A 34 -14.83 3.16 -9.01
C ILE A 34 -16.30 3.30 -9.40
N LEU A 35 -17.20 2.98 -8.48
CA LEU A 35 -18.64 3.10 -8.72
C LEU A 35 -19.19 4.48 -8.34
N ALA A 36 -18.37 5.32 -7.68
CA ALA A 36 -18.79 6.65 -7.27
C ALA A 36 -17.59 7.57 -7.07
N ARG A 37 -16.83 7.74 -8.15
CA ARG A 37 -15.62 8.57 -8.15
C ARG A 37 -15.89 10.05 -7.89
N VAL A 38 -17.15 10.48 -8.07
CA VAL A 38 -17.53 11.88 -7.87
C VAL A 38 -17.13 12.40 -6.49
N ILE A 1 12.37 -6.69 -5.47
CA ILE A 1 11.29 -6.27 -6.41
C ILE A 1 11.85 -5.96 -7.80
N VAL A 2 12.44 -4.77 -7.96
CA VAL A 2 13.03 -4.37 -9.24
C VAL A 2 14.36 -5.09 -9.48
N LEU A 3 15.30 -4.91 -8.55
CA LEU A 3 16.61 -5.55 -8.65
C LEU A 3 16.87 -6.42 -7.42
N SER A 4 17.28 -5.80 -6.32
CA SER A 4 17.56 -6.52 -5.09
C SER A 4 16.63 -6.04 -3.96
N LEU A 5 17.03 -4.95 -3.27
CA LEU A 5 16.24 -4.40 -2.18
C LEU A 5 16.01 -5.42 -1.05
N ASP A 6 16.93 -6.38 -0.92
CA ASP A 6 16.84 -7.40 0.11
C ASP A 6 17.30 -6.85 1.47
N VAL A 7 18.48 -6.23 1.50
CA VAL A 7 19.01 -5.65 2.73
C VAL A 7 17.93 -4.79 3.42
N PRO A 8 17.30 -3.85 2.68
CA PRO A 8 16.25 -3.01 3.22
C PRO A 8 14.88 -3.67 3.19
N ILE A 9 14.83 -4.92 3.61
CA ILE A 9 13.58 -5.66 3.65
C ILE A 9 12.61 -5.00 4.61
N GLY A 10 13.13 -4.28 5.60
CA GLY A 10 12.27 -3.59 6.54
C GLY A 10 11.61 -2.38 5.91
N LEU A 11 12.36 -1.69 5.05
CA LEU A 11 11.85 -0.51 4.35
C LEU A 11 10.64 -0.89 3.50
N LEU A 12 10.70 -2.08 2.91
CA LEU A 12 9.61 -2.58 2.07
C LEU A 12 8.54 -3.27 2.92
N GLN A 13 8.92 -3.75 4.10
CA GLN A 13 7.99 -4.40 5.00
C GLN A 13 7.03 -3.35 5.57
N ILE A 14 7.56 -2.17 5.85
CA ILE A 14 6.76 -1.07 6.39
C ILE A 14 5.64 -0.66 5.43
N LEU A 15 5.95 -0.61 4.13
CA LEU A 15 4.94 -0.24 3.14
C LEU A 15 3.80 -1.26 3.11
N LEU A 16 3.95 -2.38 3.81
CA LEU A 16 2.90 -3.40 3.87
C LEU A 16 2.55 -3.73 5.32
N GLU A 17 3.13 -3.00 6.27
CA GLU A 17 2.88 -3.19 7.68
C GLU A 17 2.07 -2.02 8.24
N GLN A 18 2.60 -0.81 8.07
CA GLN A 18 1.92 0.38 8.54
C GLN A 18 0.97 0.92 7.47
N ALA A 19 1.04 0.33 6.28
CA ALA A 19 0.17 0.71 5.19
C ALA A 19 -1.15 -0.04 5.30
N ARG A 20 -1.17 -1.10 6.11
CA ARG A 20 -2.38 -1.90 6.32
C ARG A 20 -3.56 -0.99 6.72
N ALA A 21 -3.44 -0.39 7.90
CA ALA A 21 -4.48 0.51 8.40
C ALA A 21 -4.52 1.83 7.61
N ARG A 22 -3.52 2.06 6.76
CA ARG A 22 -3.46 3.26 5.96
C ARG A 22 -4.20 3.03 4.64
N ALA A 23 -3.89 1.93 3.99
CA ALA A 23 -4.54 1.57 2.74
C ALA A 23 -5.94 1.00 2.99
N ALA A 24 -6.21 0.56 4.23
CA ALA A 24 -7.51 0.03 4.58
C ALA A 24 -8.59 1.09 4.40
N ARG A 25 -8.24 2.34 4.67
CA ARG A 25 -9.20 3.44 4.50
C ARG A 25 -9.26 3.86 3.04
N GLU A 26 -8.23 3.48 2.28
CA GLU A 26 -8.15 3.83 0.87
C GLU A 26 -8.74 2.73 0.00
N GLN A 27 -8.46 1.48 0.36
CA GLN A 27 -8.94 0.33 -0.37
C GLN A 27 -10.45 0.38 -0.56
N ALA A 28 -11.15 0.91 0.44
CA ALA A 28 -12.60 1.05 0.39
C ALA A 28 -13.01 2.35 -0.31
N THR A 29 -12.25 3.40 -0.03
CA THR A 29 -12.51 4.71 -0.63
C THR A 29 -12.17 4.70 -2.12
N THR A 30 -10.99 4.15 -2.45
CA THR A 30 -10.57 4.06 -3.84
C THR A 30 -11.52 3.15 -4.63
N ASN A 31 -11.90 2.02 -4.03
CA ASN A 31 -12.82 1.09 -4.67
C ASN A 31 -14.08 1.82 -5.08
N ALA A 32 -14.72 2.50 -4.13
CA ALA A 32 -15.91 3.28 -4.41
C ALA A 32 -15.61 4.35 -5.45
N ARG A 33 -14.48 5.03 -5.28
CA ARG A 33 -14.06 6.05 -6.21
C ARG A 33 -13.82 5.44 -7.61
N ILE A 34 -13.37 4.20 -7.64
CA ILE A 34 -13.13 3.52 -8.92
C ILE A 34 -14.46 3.27 -9.64
N LEU A 35 -15.47 2.82 -8.89
CA LEU A 35 -16.79 2.56 -9.47
C LEU A 35 -17.70 3.81 -9.42
N ALA A 36 -17.28 4.85 -8.70
CA ALA A 36 -18.05 6.08 -8.57
C ALA A 36 -17.16 7.23 -8.08
N ARG A 37 -16.13 7.54 -8.86
CA ARG A 37 -15.16 8.58 -8.52
C ARG A 37 -15.81 9.92 -8.19
N VAL A 38 -16.48 10.50 -9.18
CA VAL A 38 -17.15 11.79 -9.04
C VAL A 38 -16.14 12.94 -9.01
N ILE A 1 18.97 -2.70 -2.04
CA ILE A 1 20.32 -2.31 -2.57
C ILE A 1 20.20 -1.70 -3.98
N VAL A 2 19.81 -2.52 -4.96
CA VAL A 2 19.66 -2.05 -6.33
C VAL A 2 18.32 -2.48 -6.94
N LEU A 3 18.20 -3.77 -7.26
CA LEU A 3 16.97 -4.30 -7.86
C LEU A 3 16.24 -5.25 -6.90
N SER A 4 16.95 -6.29 -6.42
CA SER A 4 16.36 -7.26 -5.52
C SER A 4 15.76 -6.59 -4.27
N LEU A 5 16.52 -5.69 -3.65
CA LEU A 5 16.07 -4.97 -2.46
C LEU A 5 15.68 -5.94 -1.32
N ASP A 6 16.36 -7.08 -1.26
CA ASP A 6 16.11 -8.07 -0.21
C ASP A 6 16.62 -7.57 1.15
N VAL A 7 17.90 -7.19 1.19
CA VAL A 7 18.50 -6.68 2.43
C VAL A 7 17.55 -5.71 3.13
N PRO A 8 17.06 -4.66 2.42
CA PRO A 8 16.12 -3.70 2.98
C PRO A 8 14.70 -4.24 3.01
N ILE A 9 14.55 -5.45 3.52
CA ILE A 9 13.25 -6.08 3.61
C ILE A 9 12.33 -5.26 4.52
N GLY A 10 12.92 -4.53 5.46
CA GLY A 10 12.13 -3.70 6.35
C GLY A 10 11.56 -2.50 5.62
N LEU A 11 12.36 -1.95 4.69
CA LEU A 11 11.92 -0.81 3.89
C LEU A 11 10.69 -1.18 3.06
N LEU A 12 10.66 -2.42 2.58
CA LEU A 12 9.52 -2.90 1.80
C LEU A 12 8.43 -3.47 2.71
N GLN A 13 8.82 -3.96 3.89
CA GLN A 13 7.88 -4.50 4.85
C GLN A 13 7.02 -3.35 5.37
N ILE A 14 7.65 -2.20 5.61
CA ILE A 14 6.95 -1.03 6.09
C ILE A 14 5.84 -0.62 5.13
N LEU A 15 6.13 -0.67 3.83
CA LEU A 15 5.15 -0.32 2.82
C LEU A 15 3.94 -1.27 2.84
N LEU A 16 4.05 -2.35 3.62
CA LEU A 16 2.96 -3.31 3.75
C LEU A 16 2.56 -3.51 5.21
N GLU A 17 3.31 -2.89 6.12
CA GLU A 17 3.04 -2.99 7.54
C GLU A 17 2.24 -1.79 8.03
N GLN A 18 2.76 -0.60 7.78
CA GLN A 18 2.06 0.61 8.18
C GLN A 18 1.14 1.10 7.08
N ALA A 19 1.24 0.48 5.90
CA ALA A 19 0.36 0.81 4.79
C ALA A 19 -1.04 0.28 5.07
N ARG A 20 -1.13 -0.73 5.95
CA ARG A 20 -2.42 -1.30 6.34
C ARG A 20 -3.43 -0.21 6.63
N ALA A 21 -3.14 0.55 7.68
CA ALA A 21 -3.99 1.67 8.08
C ALA A 21 -4.10 2.73 6.99
N ARG A 22 -3.15 2.72 6.07
CA ARG A 22 -3.14 3.65 4.96
C ARG A 22 -4.04 3.17 3.83
N ALA A 23 -3.94 1.89 3.53
CA ALA A 23 -4.75 1.28 2.49
C ALA A 23 -6.16 0.98 3.00
N ALA A 24 -6.33 0.81 4.31
CA ALA A 24 -7.64 0.54 4.87
C ALA A 24 -8.61 1.69 4.59
N ARG A 25 -8.08 2.91 4.55
CA ARG A 25 -8.91 4.08 4.24
C ARG A 25 -9.04 4.29 2.73
N GLU A 26 -8.19 3.60 1.97
CA GLU A 26 -8.20 3.70 0.53
C GLU A 26 -8.93 2.52 -0.11
N GLN A 27 -8.74 1.34 0.46
CA GLN A 27 -9.38 0.13 -0.02
C GLN A 27 -10.88 0.33 -0.17
N ALA A 28 -11.47 1.07 0.77
CA ALA A 28 -12.90 1.36 0.74
C ALA A 28 -13.18 2.55 -0.17
N THR A 29 -12.23 3.48 -0.22
CA THR A 29 -12.35 4.67 -1.06
C THR A 29 -12.18 4.31 -2.52
N THR A 30 -11.12 3.56 -2.84
CA THR A 30 -10.86 3.14 -4.22
C THR A 30 -12.03 2.30 -4.73
N ASN A 31 -12.55 1.41 -3.87
CA ASN A 31 -13.67 0.57 -4.23
C ASN A 31 -14.86 1.45 -4.62
N ALA A 32 -15.17 2.42 -3.77
CA ALA A 32 -16.26 3.36 -4.04
C ALA A 32 -15.92 4.26 -5.22
N ARG A 33 -14.66 4.67 -5.32
CA ARG A 33 -14.20 5.50 -6.42
C ARG A 33 -14.49 4.84 -7.77
N ILE A 34 -14.41 3.52 -7.79
CA ILE A 34 -14.68 2.77 -9.02
C ILE A 34 -16.14 2.92 -9.44
N LEU A 35 -17.05 2.81 -8.48
CA LEU A 35 -18.49 2.95 -8.74
C LEU A 35 -18.97 4.39 -8.54
N ALA A 36 -18.11 5.25 -7.98
CA ALA A 36 -18.45 6.65 -7.73
C ALA A 36 -17.18 7.49 -7.57
N ARG A 37 -16.37 7.50 -8.61
CA ARG A 37 -15.10 8.23 -8.63
C ARG A 37 -15.27 9.71 -8.28
N VAL A 38 -16.37 10.30 -8.72
CA VAL A 38 -16.65 11.71 -8.46
C VAL A 38 -18.10 11.91 -8.02
N ILE A 1 12.53 -5.93 -9.38
CA ILE A 1 12.15 -4.83 -10.30
C ILE A 1 13.37 -4.03 -10.76
N VAL A 2 14.03 -3.33 -9.83
CA VAL A 2 15.21 -2.54 -10.17
C VAL A 2 16.50 -3.37 -10.03
N LEU A 3 16.89 -3.66 -8.79
CA LEU A 3 18.10 -4.44 -8.53
C LEU A 3 17.79 -5.65 -7.63
N SER A 4 17.78 -5.41 -6.32
CA SER A 4 17.52 -6.48 -5.35
C SER A 4 16.27 -6.17 -4.53
N LEU A 5 16.39 -5.16 -3.66
CA LEU A 5 15.28 -4.75 -2.79
C LEU A 5 15.03 -5.79 -1.68
N ASP A 6 15.98 -6.72 -1.51
CA ASP A 6 15.86 -7.75 -0.47
C ASP A 6 16.43 -7.24 0.85
N VAL A 7 17.67 -6.76 0.81
CA VAL A 7 18.32 -6.22 2.01
C VAL A 7 17.37 -5.32 2.79
N PRO A 8 16.72 -4.34 2.12
CA PRO A 8 15.77 -3.44 2.76
C PRO A 8 14.38 -4.04 2.89
N ILE A 9 14.33 -5.28 3.36
CA ILE A 9 13.07 -5.97 3.56
C ILE A 9 12.23 -5.23 4.59
N GLY A 10 12.88 -4.51 5.49
CA GLY A 10 12.16 -3.74 6.49
C GLY A 10 11.50 -2.53 5.88
N LEU A 11 12.21 -1.89 4.95
CA LEU A 11 11.68 -0.72 4.26
C LEU A 11 10.41 -1.07 3.50
N LEU A 12 10.39 -2.27 2.93
CA LEU A 12 9.22 -2.75 2.19
C LEU A 12 8.19 -3.39 3.13
N GLN A 13 8.64 -3.87 4.29
CA GLN A 13 7.75 -4.46 5.27
C GLN A 13 6.85 -3.37 5.85
N ILE A 14 7.45 -2.20 6.08
CA ILE A 14 6.70 -1.05 6.60
C ILE A 14 5.59 -0.65 5.64
N LEU A 15 5.87 -0.72 4.34
CA LEU A 15 4.89 -0.40 3.31
C LEU A 15 3.68 -1.34 3.37
N LEU A 16 3.80 -2.42 4.15
CA LEU A 16 2.71 -3.38 4.31
C LEU A 16 2.38 -3.57 5.80
N GLU A 17 3.00 -2.77 6.66
CA GLU A 17 2.79 -2.84 8.09
C GLU A 17 2.05 -1.59 8.56
N GLN A 18 2.62 -0.42 8.28
CA GLN A 18 1.99 0.84 8.64
C GLN A 18 1.01 1.28 7.57
N ALA A 19 1.04 0.59 6.44
CA ALA A 19 0.13 0.87 5.34
C ALA A 19 -1.20 0.17 5.60
N ARG A 20 -1.20 -0.80 6.53
CA ARG A 20 -2.43 -1.54 6.86
C ARG A 20 -3.56 -0.56 7.19
N ALA A 21 -3.38 0.21 8.27
CA ALA A 21 -4.37 1.20 8.69
C ALA A 21 -4.41 2.40 7.73
N ARG A 22 -3.42 2.49 6.84
CA ARG A 22 -3.36 3.57 5.87
C ARG A 22 -4.15 3.22 4.62
N ALA A 23 -3.91 2.02 4.11
CA ALA A 23 -4.62 1.52 2.94
C ALA A 23 -6.03 1.05 3.32
N ALA A 24 -6.26 0.80 4.60
CA ALA A 24 -7.57 0.36 5.06
C ALA A 24 -8.62 1.41 4.79
N ARG A 25 -8.22 2.68 4.89
CA ARG A 25 -9.15 3.79 4.60
C ARG A 25 -9.26 4.01 3.10
N GLU A 26 -8.29 3.50 2.36
CA GLU A 26 -8.25 3.65 0.92
C GLU A 26 -8.89 2.47 0.21
N GLN A 27 -8.63 1.27 0.74
CA GLN A 27 -9.18 0.04 0.18
C GLN A 27 -10.69 0.14 0.01
N ALA A 28 -11.33 0.82 0.96
CA ALA A 28 -12.78 1.02 0.91
C ALA A 28 -13.12 2.22 0.02
N THR A 29 -12.26 3.23 0.06
CA THR A 29 -12.43 4.43 -0.75
C THR A 29 -12.17 4.12 -2.22
N THR A 30 -11.06 3.45 -2.51
CA THR A 30 -10.69 3.08 -3.88
C THR A 30 -11.79 2.22 -4.51
N ASN A 31 -12.28 1.24 -3.74
CA ASN A 31 -13.35 0.38 -4.21
C ASN A 31 -14.52 1.21 -4.73
N ALA A 32 -14.93 2.19 -3.92
CA ALA A 32 -16.01 3.08 -4.30
C ALA A 32 -15.54 4.11 -5.33
N ARG A 33 -14.29 4.55 -5.19
CA ARG A 33 -13.72 5.52 -6.12
C ARG A 33 -13.69 4.93 -7.54
N ILE A 34 -13.47 3.63 -7.63
CA ILE A 34 -13.44 2.96 -8.93
C ILE A 34 -14.80 3.13 -9.64
N LEU A 35 -15.88 2.92 -8.89
CA LEU A 35 -17.23 3.05 -9.44
C LEU A 35 -17.76 4.49 -9.27
N ALA A 36 -17.08 5.29 -8.46
CA ALA A 36 -17.48 6.68 -8.20
C ALA A 36 -16.25 7.59 -8.17
N ARG A 37 -15.42 7.47 -9.20
CA ARG A 37 -14.19 8.24 -9.32
C ARG A 37 -14.42 9.76 -9.46
N VAL A 38 -15.63 10.16 -9.84
CA VAL A 38 -15.95 11.58 -9.99
C VAL A 38 -16.50 12.15 -8.68
N ILE A 1 19.70 -5.11 -6.72
CA ILE A 1 19.57 -4.20 -5.54
C ILE A 1 18.19 -3.54 -5.49
N VAL A 2 17.87 -2.75 -6.50
CA VAL A 2 16.57 -2.06 -6.56
C VAL A 2 15.44 -3.08 -6.68
N LEU A 3 15.48 -3.89 -7.72
CA LEU A 3 14.47 -4.93 -7.93
C LEU A 3 14.56 -5.98 -6.81
N SER A 4 15.79 -6.29 -6.41
CA SER A 4 16.06 -7.25 -5.35
C SER A 4 15.43 -6.80 -4.03
N LEU A 5 15.77 -5.58 -3.63
CA LEU A 5 15.27 -4.96 -2.39
C LEU A 5 15.31 -5.93 -1.20
N ASP A 6 16.32 -6.80 -1.16
CA ASP A 6 16.47 -7.76 -0.06
C ASP A 6 17.04 -7.06 1.18
N VAL A 7 18.21 -6.44 1.04
CA VAL A 7 18.83 -5.72 2.15
C VAL A 7 17.80 -4.81 2.83
N PRO A 8 17.12 -3.94 2.04
CA PRO A 8 16.10 -3.05 2.59
C PRO A 8 14.73 -3.71 2.69
N ILE A 9 14.73 -4.92 3.20
CA ILE A 9 13.51 -5.67 3.37
C ILE A 9 12.55 -4.90 4.30
N GLY A 10 13.11 -4.09 5.19
CA GLY A 10 12.29 -3.29 6.08
C GLY A 10 11.51 -2.24 5.33
N LEU A 11 12.13 -1.71 4.27
CA LEU A 11 11.49 -0.69 3.44
C LEU A 11 10.22 -1.26 2.80
N LEU A 12 10.28 -2.54 2.45
CA LEU A 12 9.13 -3.21 1.86
C LEU A 12 8.19 -3.72 2.94
N GLN A 13 8.74 -4.01 4.12
CA GLN A 13 7.95 -4.46 5.24
C GLN A 13 7.08 -3.30 5.74
N ILE A 14 7.66 -2.10 5.72
CA ILE A 14 6.94 -0.90 6.15
C ILE A 14 5.75 -0.62 5.24
N LEU A 15 5.96 -0.72 3.93
CA LEU A 15 4.88 -0.50 2.97
C LEU A 15 3.75 -1.53 3.16
N LEU A 16 4.00 -2.56 3.99
CA LEU A 16 2.98 -3.57 4.26
C LEU A 16 2.70 -3.68 5.76
N GLU A 17 3.33 -2.80 6.56
CA GLU A 17 3.14 -2.80 8.01
C GLU A 17 2.29 -1.61 8.43
N GLN A 18 2.73 -0.41 8.06
CA GLN A 18 1.98 0.80 8.41
C GLN A 18 1.05 1.22 7.28
N ALA A 19 1.10 0.48 6.19
CA ALA A 19 0.21 0.76 5.06
C ALA A 19 -1.12 0.01 5.26
N ARG A 20 -1.12 -0.98 6.15
CA ARG A 20 -2.33 -1.75 6.43
C ARG A 20 -3.46 -0.82 6.88
N ALA A 21 -3.27 -0.17 8.04
CA ALA A 21 -4.27 0.76 8.57
C ALA A 21 -4.27 2.09 7.82
N ARG A 22 -3.45 2.22 6.78
CA ARG A 22 -3.40 3.42 5.98
C ARG A 22 -4.08 3.19 4.63
N ALA A 23 -3.82 2.03 4.06
CA ALA A 23 -4.43 1.64 2.80
C ALA A 23 -5.82 1.04 3.06
N ALA A 24 -6.10 0.66 4.31
CA ALA A 24 -7.40 0.12 4.64
C ALA A 24 -8.49 1.16 4.37
N ARG A 25 -8.17 2.41 4.66
CA ARG A 25 -9.10 3.50 4.43
C ARG A 25 -9.12 3.89 2.95
N GLU A 26 -8.10 3.47 2.23
CA GLU A 26 -7.98 3.77 0.80
C GLU A 26 -8.54 2.64 -0.05
N GLN A 27 -8.26 1.42 0.37
CA GLN A 27 -8.74 0.23 -0.33
C GLN A 27 -10.24 0.30 -0.56
N ALA A 28 -10.96 0.85 0.42
CA ALA A 28 -12.40 1.01 0.33
C ALA A 28 -12.75 2.27 -0.45
N THR A 29 -11.92 3.30 -0.29
CA THR A 29 -12.10 4.56 -0.98
C THR A 29 -11.83 4.38 -2.47
N THR A 30 -10.68 3.77 -2.79
CA THR A 30 -10.32 3.51 -4.18
C THR A 30 -11.36 2.62 -4.85
N ASN A 31 -11.79 1.58 -4.14
CA ASN A 31 -12.81 0.67 -4.65
C ASN A 31 -14.06 1.46 -5.03
N ALA A 32 -14.56 2.25 -4.07
CA ALA A 32 -15.73 3.09 -4.31
C ALA A 32 -15.44 4.14 -5.37
N ARG A 33 -14.23 4.71 -5.32
CA ARG A 33 -13.82 5.71 -6.28
C ARG A 33 -13.86 5.14 -7.69
N ILE A 34 -13.55 3.87 -7.83
CA ILE A 34 -13.58 3.22 -9.14
C ILE A 34 -15.00 3.17 -9.71
N LEU A 35 -15.97 2.88 -8.83
CA LEU A 35 -17.38 2.83 -9.24
C LEU A 35 -18.07 4.19 -9.07
N ALA A 36 -17.42 5.10 -8.33
CA ALA A 36 -17.96 6.43 -8.08
C ALA A 36 -16.82 7.44 -7.95
N ARG A 37 -15.99 7.49 -8.99
CA ARG A 37 -14.82 8.37 -9.03
C ARG A 37 -15.13 9.82 -8.65
N VAL A 38 -16.33 10.28 -8.96
CA VAL A 38 -16.74 11.65 -8.63
C VAL A 38 -17.47 11.69 -7.28
N ILE A 1 18.12 -1.15 -6.20
CA ILE A 1 19.48 -0.52 -6.09
C ILE A 1 20.58 -1.47 -6.59
N VAL A 2 20.91 -2.49 -5.78
CA VAL A 2 21.93 -3.46 -6.16
C VAL A 2 21.35 -4.55 -7.07
N LEU A 3 20.43 -5.35 -6.51
CA LEU A 3 19.79 -6.43 -7.27
C LEU A 3 18.28 -6.18 -7.39
N SER A 4 17.59 -6.22 -6.25
CA SER A 4 16.16 -5.99 -6.22
C SER A 4 15.75 -5.17 -5.00
N LEU A 5 15.55 -5.84 -3.86
CA LEU A 5 15.16 -5.15 -2.62
C LEU A 5 15.13 -6.13 -1.42
N ASP A 6 16.05 -7.11 -1.41
CA ASP A 6 16.11 -8.06 -0.31
C ASP A 6 16.67 -7.41 0.96
N VAL A 7 17.86 -6.82 0.85
CA VAL A 7 18.49 -6.14 1.99
C VAL A 7 17.50 -5.18 2.66
N PRO A 8 16.87 -4.27 1.89
CA PRO A 8 15.88 -3.33 2.42
C PRO A 8 14.50 -3.92 2.51
N ILE A 9 14.41 -5.12 3.06
CA ILE A 9 13.14 -5.79 3.24
C ILE A 9 12.24 -5.00 4.18
N GLY A 10 12.86 -4.23 5.08
CA GLY A 10 12.09 -3.41 6.00
C GLY A 10 11.39 -2.28 5.28
N LEU A 11 12.07 -1.73 4.28
CA LEU A 11 11.51 -0.64 3.48
C LEU A 11 10.23 -1.11 2.78
N LEU A 12 10.25 -2.37 2.35
CA LEU A 12 9.09 -2.95 1.68
C LEU A 12 8.08 -3.49 2.70
N GLN A 13 8.58 -3.92 3.86
CA GLN A 13 7.72 -4.42 4.91
C GLN A 13 6.86 -3.29 5.42
N ILE A 14 7.46 -2.11 5.54
CA ILE A 14 6.74 -0.92 6.01
C ILE A 14 5.58 -0.58 5.08
N LEU A 15 5.83 -0.67 3.78
CA LEU A 15 4.79 -0.39 2.78
C LEU A 15 3.64 -1.39 2.87
N LEU A 16 3.82 -2.44 3.68
CA LEU A 16 2.77 -3.44 3.86
C LEU A 16 2.46 -3.65 5.34
N GLU A 17 3.15 -2.90 6.22
CA GLU A 17 2.94 -2.99 7.65
C GLU A 17 2.17 -1.78 8.17
N GLN A 18 2.68 -0.59 7.87
CA GLN A 18 2.01 0.63 8.29
C GLN A 18 1.08 1.15 7.20
N ALA A 19 1.12 0.49 6.04
CA ALA A 19 0.25 0.86 4.93
C ALA A 19 -1.11 0.17 5.08
N ARG A 20 -1.18 -0.84 5.95
CA ARG A 20 -2.44 -1.55 6.20
C ARG A 20 -3.52 -0.56 6.62
N ALA A 21 -3.31 0.09 7.76
CA ALA A 21 -4.26 1.08 8.27
C ALA A 21 -4.36 2.29 7.35
N ARG A 22 -3.39 2.43 6.45
CA ARG A 22 -3.36 3.50 5.50
C ARG A 22 -4.19 3.15 4.26
N ALA A 23 -3.94 1.95 3.73
CA ALA A 23 -4.67 1.47 2.57
C ALA A 23 -6.06 0.96 2.97
N ALA A 24 -6.28 0.69 4.26
CA ALA A 24 -7.58 0.23 4.72
C ALA A 24 -8.63 1.30 4.47
N ARG A 25 -8.24 2.56 4.62
CA ARG A 25 -9.16 3.67 4.34
C ARG A 25 -9.21 3.93 2.85
N GLU A 26 -8.19 3.45 2.14
CA GLU A 26 -8.10 3.61 0.70
C GLU A 26 -8.93 2.55 0.02
N GLN A 27 -8.73 1.31 0.46
CA GLN A 27 -9.44 0.16 -0.08
C GLN A 27 -10.94 0.42 -0.11
N ALA A 28 -11.43 1.16 0.89
CA ALA A 28 -12.85 1.49 0.98
C ALA A 28 -13.17 2.74 0.15
N THR A 29 -12.25 3.68 0.16
CA THR A 29 -12.40 4.93 -0.59
C THR A 29 -12.26 4.68 -2.09
N THR A 30 -11.21 3.94 -2.47
CA THR A 30 -10.97 3.62 -3.88
C THR A 30 -12.12 2.80 -4.45
N ASN A 31 -12.59 1.81 -3.68
CA ASN A 31 -13.70 0.97 -4.12
C ASN A 31 -14.88 1.86 -4.48
N ALA A 32 -15.22 2.78 -3.58
CA ALA A 32 -16.32 3.71 -3.80
C ALA A 32 -15.98 4.65 -4.95
N ARG A 33 -14.74 5.12 -4.98
CA ARG A 33 -14.29 6.01 -6.03
C ARG A 33 -14.35 5.32 -7.39
N ILE A 34 -14.09 4.02 -7.40
CA ILE A 34 -14.13 3.25 -8.63
C ILE A 34 -15.56 3.10 -9.13
N LEU A 35 -16.49 2.88 -8.20
CA LEU A 35 -17.90 2.73 -8.53
C LEU A 35 -18.64 4.08 -8.50
N ALA A 36 -17.99 5.12 -7.97
CA ALA A 36 -18.61 6.44 -7.88
C ALA A 36 -17.55 7.54 -7.84
N ARG A 37 -16.68 7.56 -8.85
CA ARG A 37 -15.60 8.54 -8.95
C ARG A 37 -16.08 9.96 -8.68
N VAL A 38 -17.26 10.28 -9.20
CA VAL A 38 -17.86 11.60 -9.03
C VAL A 38 -19.27 11.49 -8.45
N ILE A 1 19.77 -4.86 -3.39
CA ILE A 1 20.37 -3.50 -3.58
C ILE A 1 19.35 -2.49 -4.10
N VAL A 2 18.90 -2.66 -5.34
CA VAL A 2 17.91 -1.74 -5.93
C VAL A 2 16.61 -2.45 -6.29
N LEU A 3 16.64 -3.24 -7.38
CA LEU A 3 15.45 -3.97 -7.83
C LEU A 3 15.09 -5.12 -6.88
N SER A 4 16.08 -5.97 -6.57
CA SER A 4 15.87 -7.11 -5.68
C SER A 4 15.35 -6.68 -4.31
N LEU A 5 15.77 -5.49 -3.85
CA LEU A 5 15.37 -4.94 -2.55
C LEU A 5 15.31 -6.01 -1.44
N ASP A 6 16.24 -6.96 -1.49
CA ASP A 6 16.31 -8.03 -0.48
C ASP A 6 16.83 -7.48 0.86
N VAL A 7 18.05 -6.95 0.84
CA VAL A 7 18.65 -6.38 2.06
C VAL A 7 17.66 -5.43 2.76
N PRO A 8 17.09 -4.45 2.03
CA PRO A 8 16.13 -3.51 2.60
C PRO A 8 14.72 -4.07 2.60
N ILE A 9 14.59 -5.30 3.07
CA ILE A 9 13.30 -5.95 3.15
C ILE A 9 12.40 -5.19 4.14
N GLY A 10 13.01 -4.51 5.10
CA GLY A 10 12.24 -3.73 6.05
C GLY A 10 11.57 -2.55 5.40
N LEU A 11 12.27 -1.94 4.43
CA LEU A 11 11.74 -0.80 3.69
C LEU A 11 10.46 -1.21 2.95
N LEU A 12 10.44 -2.45 2.46
CA LEU A 12 9.28 -2.97 1.74
C LEU A 12 8.25 -3.54 2.72
N GLN A 13 8.72 -3.99 3.88
CA GLN A 13 7.84 -4.52 4.92
C GLN A 13 6.95 -3.40 5.43
N ILE A 14 7.55 -2.22 5.58
CA ILE A 14 6.81 -1.04 6.04
C ILE A 14 5.59 -0.79 5.16
N LEU A 15 5.76 -0.99 3.84
CA LEU A 15 4.68 -0.83 2.89
C LEU A 15 3.53 -1.81 3.17
N LEU A 16 3.76 -2.78 4.06
CA LEU A 16 2.74 -3.74 4.43
C LEU A 16 2.53 -3.77 5.94
N GLU A 17 3.21 -2.86 6.65
CA GLU A 17 3.10 -2.76 8.10
C GLU A 17 2.35 -1.51 8.49
N GLN A 18 2.82 -0.35 8.03
CA GLN A 18 2.16 0.91 8.34
C GLN A 18 1.19 1.30 7.24
N ALA A 19 1.15 0.50 6.18
CA ALA A 19 0.23 0.74 5.08
C ALA A 19 -1.11 0.06 5.36
N ARG A 20 -1.13 -0.85 6.34
CA ARG A 20 -2.36 -1.56 6.72
C ARG A 20 -3.47 -0.55 7.00
N ALA A 21 -3.29 0.25 8.05
CA ALA A 21 -4.27 1.26 8.43
C ALA A 21 -4.27 2.45 7.46
N ARG A 22 -3.28 2.49 6.55
CA ARG A 22 -3.18 3.56 5.57
C ARG A 22 -3.97 3.20 4.31
N ALA A 23 -3.78 1.97 3.87
CA ALA A 23 -4.49 1.47 2.69
C ALA A 23 -5.93 1.07 3.05
N ALA A 24 -6.18 0.81 4.33
CA ALA A 24 -7.52 0.43 4.79
C ALA A 24 -8.51 1.55 4.52
N ARG A 25 -8.04 2.80 4.62
CA ARG A 25 -8.91 3.95 4.35
C ARG A 25 -9.00 4.22 2.85
N GLU A 26 -8.07 3.65 2.11
CA GLU A 26 -8.03 3.83 0.67
C GLU A 26 -8.72 2.69 -0.05
N GLN A 27 -8.51 1.47 0.46
CA GLN A 27 -9.12 0.28 -0.12
C GLN A 27 -10.62 0.43 -0.27
N ALA A 28 -11.23 1.13 0.68
CA ALA A 28 -12.67 1.38 0.65
C ALA A 28 -13.00 2.61 -0.17
N THR A 29 -12.14 3.62 -0.05
CA THR A 29 -12.30 4.87 -0.79
C THR A 29 -12.04 4.66 -2.27
N THR A 30 -10.95 3.98 -2.59
CA THR A 30 -10.60 3.69 -3.98
C THR A 30 -11.64 2.77 -4.60
N ASN A 31 -12.10 1.75 -3.86
CA ASN A 31 -13.11 0.83 -4.36
C ASN A 31 -14.33 1.63 -4.81
N ALA A 32 -14.84 2.48 -3.92
CA ALA A 32 -15.97 3.33 -4.24
C ALA A 32 -15.61 4.28 -5.36
N ARG A 33 -14.40 4.82 -5.31
CA ARG A 33 -13.92 5.73 -6.34
C ARG A 33 -13.82 5.01 -7.70
N ILE A 34 -13.49 3.74 -7.67
CA ILE A 34 -13.38 2.95 -8.90
C ILE A 34 -14.76 2.77 -9.54
N LEU A 35 -15.77 2.52 -8.71
CA LEU A 35 -17.14 2.34 -9.19
C LEU A 35 -17.92 3.67 -9.19
N ALA A 36 -17.36 4.70 -8.56
CA ALA A 36 -18.00 6.01 -8.47
C ALA A 36 -16.96 7.09 -8.14
N ARG A 37 -15.97 7.21 -9.02
CA ARG A 37 -14.87 8.16 -8.84
C ARG A 37 -15.33 9.57 -8.52
N VAL A 38 -16.46 9.97 -9.08
CA VAL A 38 -17.02 11.31 -8.84
C VAL A 38 -17.52 11.42 -7.40
N ILE A 1 20.45 -6.39 -6.34
CA ILE A 1 20.08 -5.79 -5.03
C ILE A 1 19.07 -4.65 -5.20
N VAL A 2 19.43 -3.64 -5.99
CA VAL A 2 18.55 -2.48 -6.23
C VAL A 2 17.16 -2.92 -6.70
N LEU A 3 17.12 -3.90 -7.60
CA LEU A 3 15.86 -4.41 -8.13
C LEU A 3 15.16 -5.34 -7.13
N SER A 4 15.92 -6.28 -6.57
CA SER A 4 15.37 -7.24 -5.60
C SER A 4 14.92 -6.57 -4.31
N LEU A 5 15.69 -5.57 -3.83
CA LEU A 5 15.36 -4.87 -2.59
C LEU A 5 15.30 -5.85 -1.42
N ASP A 6 16.18 -6.86 -1.45
CA ASP A 6 16.25 -7.87 -0.42
C ASP A 6 16.75 -7.29 0.91
N VAL A 7 17.95 -6.71 0.88
CA VAL A 7 18.54 -6.11 2.09
C VAL A 7 17.54 -5.17 2.76
N PRO A 8 16.96 -4.20 2.01
CA PRO A 8 15.98 -3.26 2.55
C PRO A 8 14.58 -3.86 2.64
N ILE A 9 14.50 -5.06 3.21
CA ILE A 9 13.23 -5.72 3.38
C ILE A 9 12.34 -4.95 4.34
N GLY A 10 12.97 -4.17 5.23
CA GLY A 10 12.21 -3.36 6.16
C GLY A 10 11.45 -2.26 5.45
N LEU A 11 12.07 -1.72 4.39
CA LEU A 11 11.44 -0.67 3.59
C LEU A 11 10.13 -1.17 3.00
N LEU A 12 10.12 -2.44 2.61
CA LEU A 12 8.92 -3.05 2.04
C LEU A 12 8.02 -3.63 3.13
N GLN A 13 8.63 -3.98 4.27
CA GLN A 13 7.89 -4.50 5.40
C GLN A 13 6.99 -3.40 5.95
N ILE A 14 7.54 -2.19 6.02
CA ILE A 14 6.78 -1.04 6.49
C ILE A 14 5.61 -0.76 5.56
N LEU A 15 5.86 -0.84 4.26
CA LEU A 15 4.82 -0.62 3.26
C LEU A 15 3.71 -1.67 3.38
N LEU A 16 3.93 -2.71 4.19
CA LEU A 16 2.94 -3.75 4.40
C LEU A 16 2.62 -3.93 5.89
N GLU A 17 3.24 -3.10 6.74
CA GLU A 17 3.03 -3.16 8.18
C GLU A 17 2.20 -1.99 8.67
N GLN A 18 2.65 -0.78 8.35
CA GLN A 18 1.92 0.41 8.76
C GLN A 18 1.09 0.96 7.60
N ALA A 19 1.16 0.29 6.46
CA ALA A 19 0.37 0.69 5.31
C ALA A 19 -0.99 0.00 5.35
N ARG A 20 -1.12 -1.04 6.19
CA ARG A 20 -2.38 -1.76 6.34
C ARG A 20 -3.52 -0.78 6.67
N ALA A 21 -3.42 -0.14 7.84
CA ALA A 21 -4.43 0.83 8.27
C ALA A 21 -4.35 2.14 7.50
N ARG A 22 -3.34 2.28 6.65
CA ARG A 22 -3.17 3.47 5.85
C ARG A 22 -3.79 3.27 4.47
N ALA A 23 -3.51 2.12 3.88
CA ALA A 23 -4.07 1.77 2.58
C ALA A 23 -5.50 1.27 2.71
N ALA A 24 -5.89 0.83 3.92
CA ALA A 24 -7.24 0.35 4.14
C ALA A 24 -8.25 1.46 3.87
N ARG A 25 -7.87 2.68 4.20
CA ARG A 25 -8.75 3.82 3.95
C ARG A 25 -8.73 4.20 2.48
N GLU A 26 -7.67 3.78 1.80
CA GLU A 26 -7.50 4.07 0.38
C GLU A 26 -8.15 2.97 -0.45
N GLN A 27 -7.94 1.73 -0.04
CA GLN A 27 -8.51 0.58 -0.71
C GLN A 27 -10.04 0.71 -0.75
N ALA A 28 -10.60 1.27 0.30
CA ALA A 28 -12.04 1.49 0.40
C ALA A 28 -12.46 2.72 -0.39
N THR A 29 -11.64 3.76 -0.30
CA THR A 29 -11.89 5.01 -1.01
C THR A 29 -11.76 4.76 -2.51
N THR A 30 -10.69 4.09 -2.92
CA THR A 30 -10.48 3.78 -4.33
C THR A 30 -11.58 2.86 -4.85
N ASN A 31 -11.96 1.85 -4.05
CA ASN A 31 -13.01 0.93 -4.42
C ASN A 31 -14.28 1.70 -4.76
N ALA A 32 -14.70 2.57 -3.84
CA ALA A 32 -15.88 3.40 -4.05
C ALA A 32 -15.66 4.34 -5.24
N ARG A 33 -14.46 4.91 -5.32
CA ARG A 33 -14.11 5.80 -6.41
C ARG A 33 -14.17 5.07 -7.75
N ILE A 34 -13.84 3.79 -7.75
CA ILE A 34 -13.89 3.00 -8.97
C ILE A 34 -15.34 2.80 -9.43
N LEU A 35 -16.22 2.53 -8.46
CA LEU A 35 -17.64 2.34 -8.75
C LEU A 35 -18.42 3.66 -8.71
N ALA A 36 -17.80 4.73 -8.19
CA ALA A 36 -18.43 6.03 -8.08
C ALA A 36 -17.38 7.14 -7.88
N ARG A 37 -16.48 7.27 -8.84
CA ARG A 37 -15.39 8.26 -8.78
C ARG A 37 -15.89 9.65 -8.40
N VAL A 38 -17.07 10.01 -8.87
CA VAL A 38 -17.67 11.31 -8.57
C VAL A 38 -19.13 11.17 -8.14
N ILE A 1 19.93 -5.57 -3.18
CA ILE A 1 20.60 -4.24 -3.10
C ILE A 1 20.47 -3.47 -4.42
N VAL A 2 21.12 -3.98 -5.47
CA VAL A 2 21.07 -3.34 -6.79
C VAL A 2 20.05 -4.01 -7.72
N LEU A 3 19.62 -5.23 -7.37
CA LEU A 3 18.65 -5.96 -8.20
C LEU A 3 17.20 -5.56 -7.86
N SER A 4 16.66 -6.05 -6.75
CA SER A 4 15.30 -5.74 -6.38
C SER A 4 15.23 -4.94 -5.06
N LEU A 5 15.24 -5.65 -3.93
CA LEU A 5 15.17 -5.00 -2.61
C LEU A 5 15.16 -6.05 -1.47
N ASP A 6 16.05 -7.03 -1.57
CA ASP A 6 16.15 -8.08 -0.56
C ASP A 6 16.58 -7.50 0.79
N VAL A 7 17.77 -6.90 0.82
CA VAL A 7 18.29 -6.29 2.05
C VAL A 7 17.26 -5.33 2.66
N PRO A 8 16.73 -4.37 1.87
CA PRO A 8 15.74 -3.41 2.37
C PRO A 8 14.34 -4.00 2.40
N ILE A 9 14.23 -5.21 2.91
CA ILE A 9 12.95 -5.88 3.03
C ILE A 9 12.04 -5.12 3.99
N GLY A 10 12.65 -4.38 4.92
CA GLY A 10 11.88 -3.59 5.87
C GLY A 10 11.17 -2.44 5.18
N LEU A 11 11.81 -1.88 4.16
CA LEU A 11 11.23 -0.79 3.38
C LEU A 11 9.91 -1.23 2.75
N LEU A 12 9.88 -2.49 2.33
CA LEU A 12 8.67 -3.06 1.73
C LEU A 12 7.72 -3.55 2.82
N GLN A 13 8.27 -3.92 3.97
CA GLN A 13 7.48 -4.35 5.09
C GLN A 13 6.67 -3.18 5.63
N ILE A 14 7.30 -2.01 5.64
CA ILE A 14 6.63 -0.79 6.11
C ILE A 14 5.41 -0.46 5.27
N LEU A 15 5.56 -0.56 3.95
CA LEU A 15 4.44 -0.30 3.04
C LEU A 15 3.31 -1.31 3.26
N LEU A 16 3.56 -2.35 4.06
CA LEU A 16 2.54 -3.34 4.36
C LEU A 16 2.34 -3.50 5.88
N GLU A 17 3.02 -2.65 6.66
CA GLU A 17 2.90 -2.68 8.11
C GLU A 17 2.15 -1.46 8.61
N GLN A 18 2.65 -0.27 8.25
CA GLN A 18 1.99 0.97 8.65
C GLN A 18 0.99 1.43 7.59
N ALA A 19 0.96 0.70 6.48
CA ALA A 19 0.02 1.00 5.41
C ALA A 19 -1.27 0.21 5.60
N ARG A 20 -1.27 -0.75 6.54
CA ARG A 20 -2.46 -1.55 6.80
C ARG A 20 -3.63 -0.64 7.15
N ALA A 21 -3.50 0.10 8.24
CA ALA A 21 -4.55 1.02 8.67
C ALA A 21 -4.58 2.29 7.79
N ARG A 22 -3.55 2.45 6.95
CA ARG A 22 -3.47 3.59 6.06
C ARG A 22 -4.17 3.28 4.73
N ALA A 23 -3.83 2.12 4.18
CA ALA A 23 -4.43 1.66 2.94
C ALA A 23 -5.82 1.08 3.19
N ALA A 24 -6.10 0.68 4.43
CA ALA A 24 -7.41 0.14 4.76
C ALA A 24 -8.50 1.19 4.54
N ARG A 25 -8.14 2.44 4.78
CA ARG A 25 -9.08 3.55 4.57
C ARG A 25 -9.09 3.99 3.11
N GLU A 26 -8.10 3.55 2.35
CA GLU A 26 -8.00 3.91 0.95
C GLU A 26 -8.50 2.78 0.06
N GLN A 27 -8.21 1.54 0.46
CA GLN A 27 -8.65 0.36 -0.28
C GLN A 27 -10.16 0.44 -0.56
N ALA A 28 -10.89 0.93 0.42
CA ALA A 28 -12.35 1.10 0.30
C ALA A 28 -12.69 2.39 -0.41
N THR A 29 -11.88 3.41 -0.16
CA THR A 29 -12.04 4.73 -0.78
C THR A 29 -11.80 4.63 -2.28
N THR A 30 -10.68 4.01 -2.65
CA THR A 30 -10.34 3.83 -4.06
C THR A 30 -11.37 2.92 -4.73
N ASN A 31 -11.77 1.85 -4.03
CA ASN A 31 -12.77 0.93 -4.56
C ASN A 31 -14.05 1.69 -4.88
N ALA A 32 -14.56 2.44 -3.89
CA ALA A 32 -15.76 3.25 -4.08
C ALA A 32 -15.51 4.27 -5.18
N ARG A 33 -14.32 4.83 -5.22
CA ARG A 33 -13.94 5.81 -6.23
C ARG A 33 -14.03 5.18 -7.62
N ILE A 34 -13.70 3.90 -7.72
CA ILE A 34 -13.75 3.19 -8.99
C ILE A 34 -15.20 3.06 -9.46
N LEU A 35 -16.09 2.70 -8.54
CA LEU A 35 -17.51 2.54 -8.87
C LEU A 35 -18.29 3.85 -8.69
N ALA A 36 -17.67 4.87 -8.10
CA ALA A 36 -18.34 6.15 -7.88
C ALA A 36 -17.31 7.29 -7.76
N ARG A 37 -16.49 7.42 -8.78
CA ARG A 37 -15.44 8.45 -8.82
C ARG A 37 -15.99 9.84 -8.51
N VAL A 38 -17.19 10.12 -8.98
CA VAL A 38 -17.85 11.40 -8.76
C VAL A 38 -19.38 11.27 -8.79
N ILE A 1 18.32 -2.45 -2.90
CA ILE A 1 19.60 -2.35 -3.65
C ILE A 1 19.38 -1.81 -5.05
N VAL A 2 18.73 -2.60 -5.92
CA VAL A 2 18.45 -2.18 -7.29
C VAL A 2 17.05 -2.62 -7.73
N LEU A 3 16.86 -3.92 -7.94
CA LEU A 3 15.57 -4.45 -8.36
C LEU A 3 14.95 -5.38 -7.31
N SER A 4 15.72 -6.41 -6.90
CA SER A 4 15.24 -7.37 -5.90
C SER A 4 14.80 -6.67 -4.61
N LEU A 5 15.62 -5.73 -4.12
CA LEU A 5 15.32 -5.00 -2.89
C LEU A 5 15.18 -5.93 -1.68
N ASP A 6 15.99 -6.99 -1.66
CA ASP A 6 15.96 -7.96 -0.55
C ASP A 6 16.52 -7.32 0.73
N VAL A 7 17.75 -6.82 0.66
CA VAL A 7 18.38 -6.18 1.82
C VAL A 7 17.42 -5.21 2.50
N PRO A 8 16.82 -4.25 1.76
CA PRO A 8 15.87 -3.31 2.31
C PRO A 8 14.48 -3.90 2.48
N ILE A 9 14.42 -5.08 3.07
CA ILE A 9 13.17 -5.75 3.31
C ILE A 9 12.30 -4.94 4.26
N GLY A 10 12.94 -4.13 5.11
CA GLY A 10 12.20 -3.28 6.02
C GLY A 10 11.49 -2.17 5.29
N LEU A 11 12.13 -1.64 4.25
CA LEU A 11 11.55 -0.57 3.44
C LEU A 11 10.24 -1.04 2.80
N LEU A 12 10.21 -2.31 2.41
CA LEU A 12 9.02 -2.89 1.79
C LEU A 12 8.05 -3.43 2.87
N GLN A 13 8.59 -3.77 4.03
CA GLN A 13 7.78 -4.26 5.13
C GLN A 13 6.89 -3.13 5.63
N ILE A 14 7.47 -1.93 5.70
CA ILE A 14 6.73 -0.75 6.15
C ILE A 14 5.52 -0.50 5.25
N LEU A 15 5.72 -0.67 3.94
CA LEU A 15 4.64 -0.48 2.98
C LEU A 15 3.47 -1.45 3.24
N LEU A 16 3.70 -2.45 4.10
CA LEU A 16 2.66 -3.40 4.44
C LEU A 16 2.44 -3.46 5.96
N GLU A 17 3.12 -2.57 6.68
CA GLU A 17 3.00 -2.51 8.13
C GLU A 17 2.25 -1.26 8.56
N GLN A 18 2.74 -0.10 8.14
CA GLN A 18 2.09 1.16 8.47
C GLN A 18 1.08 1.55 7.40
N ALA A 19 1.06 0.78 6.31
CA ALA A 19 0.12 1.01 5.24
C ALA A 19 -1.19 0.27 5.53
N ARG A 20 -1.17 -0.64 6.51
CA ARG A 20 -2.36 -1.39 6.90
C ARG A 20 -3.52 -0.45 7.21
N ALA A 21 -3.40 0.25 8.33
CA ALA A 21 -4.42 1.20 8.76
C ALA A 21 -4.50 2.42 7.83
N ARG A 22 -3.53 2.56 6.92
CA ARG A 22 -3.52 3.65 5.98
C ARG A 22 -4.25 3.28 4.69
N ALA A 23 -4.03 2.05 4.23
CA ALA A 23 -4.69 1.55 3.05
C ALA A 23 -6.08 1.02 3.37
N ALA A 24 -6.32 0.69 4.66
CA ALA A 24 -7.63 0.21 5.07
C ALA A 24 -8.70 1.24 4.78
N ARG A 25 -8.35 2.51 4.94
CA ARG A 25 -9.29 3.60 4.66
C ARG A 25 -9.45 3.81 3.16
N GLU A 26 -8.49 3.32 2.40
CA GLU A 26 -8.51 3.48 0.96
C GLU A 26 -9.01 2.22 0.28
N GLN A 27 -8.68 1.06 0.82
CA GLN A 27 -9.14 -0.20 0.24
C GLN A 27 -10.65 -0.18 0.06
N ALA A 28 -11.35 0.42 1.02
CA ALA A 28 -12.80 0.54 0.99
C ALA A 28 -13.24 1.73 0.14
N THR A 29 -12.47 2.81 0.21
CA THR A 29 -12.75 4.04 -0.53
C THR A 29 -12.32 3.90 -2.00
N THR A 30 -11.09 3.46 -2.22
CA THR A 30 -10.57 3.28 -3.58
C THR A 30 -11.50 2.37 -4.39
N ASN A 31 -12.01 1.32 -3.75
CA ASN A 31 -12.93 0.40 -4.41
C ASN A 31 -14.09 1.18 -5.02
N ALA A 32 -14.68 2.08 -4.22
CA ALA A 32 -15.77 2.91 -4.68
C ALA A 32 -15.24 4.03 -5.57
N ARG A 33 -14.06 4.53 -5.25
CA ARG A 33 -13.44 5.59 -6.06
C ARG A 33 -13.23 5.11 -7.48
N ILE A 34 -12.84 3.85 -7.62
CA ILE A 34 -12.62 3.26 -8.94
C ILE A 34 -13.90 3.23 -9.74
N LEU A 35 -15.00 2.87 -9.08
CA LEU A 35 -16.31 2.80 -9.73
C LEU A 35 -17.08 4.12 -9.61
N ALA A 36 -16.60 5.07 -8.80
CA ALA A 36 -17.28 6.35 -8.62
C ALA A 36 -16.34 7.43 -8.08
N ARG A 37 -15.25 7.68 -8.80
CA ARG A 37 -14.27 8.69 -8.40
C ARG A 37 -14.86 10.10 -8.37
N VAL A 38 -15.79 10.37 -9.30
CA VAL A 38 -16.48 11.66 -9.45
C VAL A 38 -16.02 12.74 -8.48
N ILE A 1 11.96 -5.42 -5.35
CA ILE A 1 10.80 -4.91 -6.15
C ILE A 1 11.16 -4.79 -7.64
N VAL A 2 11.88 -3.72 -8.01
CA VAL A 2 12.29 -3.52 -9.40
C VAL A 2 13.46 -4.43 -9.75
N LEU A 3 14.50 -4.39 -8.92
CA LEU A 3 15.68 -5.22 -9.11
C LEU A 3 15.86 -6.16 -7.92
N SER A 4 16.40 -5.62 -6.82
CA SER A 4 16.61 -6.40 -5.61
C SER A 4 15.84 -5.80 -4.43
N LEU A 5 16.45 -4.83 -3.75
CA LEU A 5 15.83 -4.17 -2.60
C LEU A 5 15.52 -5.16 -1.47
N ASP A 6 16.36 -6.20 -1.34
CA ASP A 6 16.19 -7.22 -0.31
C ASP A 6 16.70 -6.70 1.04
N VAL A 7 17.94 -6.21 1.06
CA VAL A 7 18.54 -5.67 2.29
C VAL A 7 17.53 -4.76 3.02
N PRO A 8 16.94 -3.78 2.31
CA PRO A 8 15.95 -2.88 2.90
C PRO A 8 14.56 -3.50 2.94
N ILE A 9 14.50 -4.73 3.44
CA ILE A 9 13.25 -5.43 3.56
C ILE A 9 12.32 -4.72 4.54
N GLY A 10 12.91 -3.98 5.47
CA GLY A 10 12.12 -3.23 6.43
C GLY A 10 11.36 -2.11 5.76
N LEU A 11 12.00 -1.50 4.76
CA LEU A 11 11.39 -0.40 4.01
C LEU A 11 10.10 -0.88 3.35
N LEU A 12 10.10 -2.13 2.89
CA LEU A 12 8.92 -2.71 2.26
C LEU A 12 8.02 -3.38 3.29
N GLN A 13 8.62 -3.84 4.40
CA GLN A 13 7.86 -4.47 5.47
C GLN A 13 6.95 -3.42 6.10
N ILE A 14 7.51 -2.22 6.28
CA ILE A 14 6.75 -1.11 6.84
C ILE A 14 5.60 -0.72 5.90
N LEU A 15 5.88 -0.76 4.60
CA LEU A 15 4.87 -0.45 3.60
C LEU A 15 3.72 -1.45 3.61
N LEU A 16 3.88 -2.55 4.36
CA LEU A 16 2.84 -3.56 4.48
C LEU A 16 2.46 -3.83 5.94
N GLU A 17 3.12 -3.11 6.86
CA GLU A 17 2.86 -3.25 8.28
C GLU A 17 2.07 -2.06 8.81
N GLN A 18 2.60 -0.85 8.57
CA GLN A 18 1.92 0.36 9.02
C GLN A 18 1.05 0.94 7.91
N ALA A 19 1.12 0.32 6.75
CA ALA A 19 0.32 0.74 5.60
C ALA A 19 -1.02 0.02 5.62
N ARG A 20 -1.14 -1.03 6.44
CA ARG A 20 -2.39 -1.78 6.55
C ARG A 20 -3.54 -0.87 6.94
N ALA A 21 -3.45 -0.30 8.15
CA ALA A 21 -4.47 0.62 8.63
C ALA A 21 -4.52 1.90 7.81
N ARG A 22 -3.47 2.12 7.00
CA ARG A 22 -3.39 3.28 6.13
C ARG A 22 -4.11 3.00 4.82
N ALA A 23 -3.76 1.88 4.20
CA ALA A 23 -4.38 1.46 2.96
C ALA A 23 -5.78 0.91 3.21
N ALA A 24 -6.08 0.53 4.45
CA ALA A 24 -7.40 0.01 4.79
C ALA A 24 -8.47 1.06 4.55
N ARG A 25 -8.14 2.32 4.79
CA ARG A 25 -9.08 3.40 4.55
C ARG A 25 -9.11 3.77 3.07
N GLU A 26 -8.06 3.38 2.36
CA GLU A 26 -7.95 3.68 0.95
C GLU A 26 -8.51 2.54 0.10
N GLN A 27 -8.24 1.32 0.52
CA GLN A 27 -8.73 0.14 -0.19
C GLN A 27 -10.23 0.23 -0.45
N ALA A 28 -10.95 0.78 0.53
CA ALA A 28 -12.39 0.95 0.42
C ALA A 28 -12.74 2.24 -0.33
N THR A 29 -11.94 3.28 -0.09
CA THR A 29 -12.12 4.58 -0.73
C THR A 29 -11.75 4.51 -2.21
N THR A 30 -10.59 3.92 -2.50
CA THR A 30 -10.13 3.78 -3.88
C THR A 30 -11.08 2.88 -4.67
N ASN A 31 -11.52 1.78 -4.05
CA ASN A 31 -12.46 0.87 -4.70
C ASN A 31 -13.69 1.65 -5.17
N ALA A 32 -14.28 2.41 -4.24
CA ALA A 32 -15.44 3.23 -4.56
C ALA A 32 -15.06 4.30 -5.58
N ARG A 33 -13.90 4.92 -5.38
CA ARG A 33 -13.41 5.93 -6.29
C ARG A 33 -13.18 5.34 -7.68
N ILE A 34 -12.76 4.09 -7.72
CA ILE A 34 -12.51 3.40 -8.99
C ILE A 34 -13.83 3.17 -9.73
N LEU A 35 -14.86 2.77 -8.98
CA LEU A 35 -16.18 2.51 -9.57
C LEU A 35 -17.06 3.78 -9.57
N ALA A 36 -16.62 4.83 -8.85
CA ALA A 36 -17.37 6.07 -8.77
C ALA A 36 -16.45 7.24 -8.41
N ARG A 37 -15.44 7.45 -9.25
CA ARG A 37 -14.45 8.50 -9.04
C ARG A 37 -15.09 9.89 -8.90
N VAL A 38 -16.21 10.09 -9.57
CA VAL A 38 -16.93 11.37 -9.51
C VAL A 38 -18.43 11.15 -9.36
N ILE A 1 12.39 -6.76 -8.98
CA ILE A 1 11.86 -5.49 -9.58
C ILE A 1 12.98 -4.69 -10.24
N VAL A 2 13.86 -4.09 -9.44
CA VAL A 2 14.97 -3.29 -9.96
C VAL A 2 16.30 -4.03 -9.81
N LEU A 3 16.81 -4.10 -8.58
CA LEU A 3 18.06 -4.80 -8.31
C LEU A 3 17.87 -5.95 -7.33
N SER A 4 17.71 -5.62 -6.04
CA SER A 4 17.51 -6.62 -5.01
C SER A 4 16.25 -6.31 -4.19
N LEU A 5 16.35 -5.27 -3.36
CA LEU A 5 15.24 -4.85 -2.49
C LEU A 5 15.00 -5.87 -1.36
N ASP A 6 15.96 -6.78 -1.18
CA ASP A 6 15.86 -7.80 -0.13
C ASP A 6 16.47 -7.26 1.17
N VAL A 7 17.71 -6.77 1.09
CA VAL A 7 18.39 -6.21 2.26
C VAL A 7 17.46 -5.25 2.99
N PRO A 8 16.85 -4.27 2.28
CA PRO A 8 15.92 -3.32 2.89
C PRO A 8 14.51 -3.88 2.99
N ILE A 9 14.41 -5.10 3.48
CA ILE A 9 13.12 -5.75 3.65
C ILE A 9 12.25 -4.96 4.63
N GLY A 10 12.90 -4.24 5.53
CA GLY A 10 12.16 -3.42 6.48
C GLY A 10 11.44 -2.29 5.79
N LEU A 11 12.09 -1.73 4.78
CA LEU A 11 11.52 -0.63 4.00
C LEU A 11 10.20 -1.07 3.36
N LEU A 12 10.17 -2.32 2.91
CA LEU A 12 8.97 -2.89 2.30
C LEU A 12 8.04 -3.48 3.35
N GLN A 13 8.61 -3.89 4.48
CA GLN A 13 7.83 -4.45 5.58
C GLN A 13 6.95 -3.35 6.15
N ILE A 14 7.51 -2.15 6.28
CA ILE A 14 6.77 -1.01 6.79
C ILE A 14 5.63 -0.67 5.83
N LEU A 15 5.92 -0.72 4.54
CA LEU A 15 4.91 -0.45 3.52
C LEU A 15 3.77 -1.48 3.57
N LEU A 16 3.96 -2.54 4.36
CA LEU A 16 2.93 -3.57 4.51
C LEU A 16 2.58 -3.80 5.99
N GLU A 17 3.17 -2.98 6.88
CA GLU A 17 2.93 -3.09 8.30
C GLU A 17 2.13 -1.89 8.81
N GLN A 18 2.64 -0.70 8.55
CA GLN A 18 1.94 0.53 8.96
C GLN A 18 1.11 1.09 7.82
N ALA A 19 1.18 0.44 6.67
CA ALA A 19 0.41 0.84 5.51
C ALA A 19 -0.93 0.09 5.49
N ARG A 20 -1.05 -0.94 6.35
CA ARG A 20 -2.29 -1.70 6.43
C ARG A 20 -3.47 -0.78 6.75
N ALA A 21 -3.43 -0.16 7.92
CA ALA A 21 -4.48 0.77 8.32
C ALA A 21 -4.48 2.04 7.47
N ARG A 22 -3.39 2.25 6.72
CA ARG A 22 -3.26 3.40 5.84
C ARG A 22 -3.92 3.12 4.50
N ALA A 23 -3.59 1.98 3.92
CA ALA A 23 -4.16 1.55 2.66
C ALA A 23 -5.57 0.99 2.85
N ALA A 24 -5.88 0.55 4.07
CA ALA A 24 -7.20 0.00 4.36
C ALA A 24 -8.26 1.08 4.16
N ARG A 25 -7.92 2.32 4.46
CA ARG A 25 -8.85 3.43 4.28
C ARG A 25 -8.84 3.92 2.83
N GLU A 26 -7.81 3.51 2.08
CA GLU A 26 -7.69 3.89 0.69
C GLU A 26 -8.28 2.83 -0.21
N GLN A 27 -8.01 1.57 0.13
CA GLN A 27 -8.53 0.43 -0.62
C GLN A 27 -10.04 0.53 -0.78
N ALA A 28 -10.70 1.03 0.27
CA ALA A 28 -12.15 1.21 0.26
C ALA A 28 -12.53 2.50 -0.45
N THR A 29 -11.71 3.52 -0.26
CA THR A 29 -11.93 4.82 -0.89
C THR A 29 -11.73 4.71 -2.40
N THR A 30 -10.63 4.09 -2.80
CA THR A 30 -10.35 3.90 -4.22
C THR A 30 -11.41 3.00 -4.87
N ASN A 31 -11.80 1.93 -4.16
CA ASN A 31 -12.81 1.02 -4.66
C ASN A 31 -14.08 1.80 -4.96
N ALA A 32 -14.58 2.56 -3.98
CA ALA A 32 -15.76 3.38 -4.17
C ALA A 32 -15.52 4.41 -5.26
N ARG A 33 -14.33 4.98 -5.29
CA ARG A 33 -13.96 5.95 -6.30
C ARG A 33 -14.02 5.32 -7.69
N ILE A 34 -13.64 4.05 -7.77
CA ILE A 34 -13.67 3.33 -9.04
C ILE A 34 -15.11 3.13 -9.52
N LEU A 35 -16.00 2.81 -8.60
CA LEU A 35 -17.40 2.60 -8.93
C LEU A 35 -18.23 3.90 -8.78
N ALA A 36 -17.63 4.95 -8.22
CA ALA A 36 -18.32 6.22 -8.03
C ALA A 36 -17.35 7.40 -7.99
N ARG A 37 -16.52 7.51 -9.04
CA ARG A 37 -15.53 8.58 -9.16
C ARG A 37 -16.15 9.98 -9.00
N VAL A 38 -17.43 10.09 -9.33
CA VAL A 38 -18.13 11.38 -9.24
C VAL A 38 -19.42 11.24 -8.44
N ILE A 1 17.25 -1.79 -5.84
CA ILE A 1 18.52 -1.01 -5.82
C ILE A 1 19.59 -1.67 -6.68
N VAL A 2 20.35 -2.62 -6.11
CA VAL A 2 21.39 -3.33 -6.87
C VAL A 2 20.78 -4.52 -7.62
N LEU A 3 20.32 -5.52 -6.86
CA LEU A 3 19.69 -6.70 -7.44
C LEU A 3 18.17 -6.51 -7.50
N SER A 4 17.56 -6.31 -6.33
CA SER A 4 16.12 -6.09 -6.23
C SER A 4 15.79 -5.18 -5.05
N LEU A 5 15.64 -5.79 -3.86
CA LEU A 5 15.33 -5.04 -2.64
C LEU A 5 15.25 -5.97 -1.42
N ASP A 6 16.14 -6.98 -1.37
CA ASP A 6 16.16 -7.91 -0.24
C ASP A 6 16.73 -7.25 1.01
N VAL A 7 17.96 -6.73 0.90
CA VAL A 7 18.62 -6.06 2.02
C VAL A 7 17.63 -5.13 2.74
N PRO A 8 16.96 -4.21 1.99
CA PRO A 8 15.98 -3.30 2.56
C PRO A 8 14.62 -3.95 2.75
N ILE A 9 14.63 -5.13 3.37
CA ILE A 9 13.40 -5.85 3.63
C ILE A 9 12.50 -5.06 4.58
N GLY A 10 13.11 -4.19 5.38
CA GLY A 10 12.34 -3.36 6.28
C GLY A 10 11.62 -2.26 5.54
N LEU A 11 12.31 -1.70 4.53
CA LEU A 11 11.73 -0.64 3.70
C LEU A 11 10.50 -1.16 2.97
N LEU A 12 10.54 -2.42 2.56
CA LEU A 12 9.42 -3.04 1.85
C LEU A 12 8.40 -3.60 2.84
N GLN A 13 8.85 -3.93 4.05
CA GLN A 13 7.96 -4.45 5.08
C GLN A 13 7.02 -3.34 5.52
N ILE A 14 7.55 -2.13 5.62
CA ILE A 14 6.74 -0.97 6.02
C ILE A 14 5.58 -0.76 5.05
N LEU A 15 5.82 -1.00 3.76
CA LEU A 15 4.78 -0.87 2.74
C LEU A 15 3.63 -1.85 2.98
N LEU A 16 3.81 -2.80 3.90
CA LEU A 16 2.77 -3.77 4.21
C LEU A 16 2.48 -3.77 5.71
N GLU A 17 3.14 -2.87 6.46
CA GLU A 17 2.96 -2.76 7.88
C GLU A 17 2.16 -1.51 8.23
N GLN A 18 2.64 -0.35 7.79
CA GLN A 18 1.93 0.90 8.04
C GLN A 18 1.01 1.26 6.89
N ALA A 19 1.05 0.45 5.83
CA ALA A 19 0.19 0.67 4.69
C ALA A 19 -1.20 0.06 4.95
N ARG A 20 -1.27 -0.86 5.92
CA ARG A 20 -2.53 -1.51 6.27
C ARG A 20 -3.58 -0.46 6.63
N ALA A 21 -3.35 0.24 7.74
CA ALA A 21 -4.28 1.28 8.20
C ALA A 21 -4.33 2.47 7.22
N ARG A 22 -3.38 2.52 6.28
CA ARG A 22 -3.32 3.58 5.29
C ARG A 22 -4.18 3.21 4.09
N ALA A 23 -3.99 2.00 3.59
CA ALA A 23 -4.76 1.50 2.47
C ALA A 23 -6.15 1.06 2.91
N ALA A 24 -6.32 0.74 4.20
CA ALA A 24 -7.62 0.33 4.72
C ALA A 24 -8.65 1.44 4.53
N ARG A 25 -8.20 2.69 4.62
CA ARG A 25 -9.09 3.83 4.42
C ARG A 25 -9.28 4.14 2.95
N GLU A 26 -8.43 3.57 2.11
CA GLU A 26 -8.51 3.80 0.68
C GLU A 26 -9.11 2.62 -0.04
N GLN A 27 -8.82 1.41 0.43
CA GLN A 27 -9.36 0.20 -0.16
C GLN A 27 -10.88 0.28 -0.27
N ALA A 28 -11.49 0.88 0.75
CA ALA A 28 -12.94 1.06 0.79
C ALA A 28 -13.36 2.32 0.03
N THR A 29 -12.53 3.35 0.13
CA THR A 29 -12.79 4.64 -0.54
C THR A 29 -12.54 4.51 -2.04
N THR A 30 -11.40 3.94 -2.42
CA THR A 30 -11.07 3.75 -3.82
C THR A 30 -12.11 2.85 -4.49
N ASN A 31 -12.52 1.79 -3.79
CA ASN A 31 -13.53 0.88 -4.30
C ASN A 31 -14.76 1.69 -4.69
N ALA A 32 -15.27 2.49 -3.75
CA ALA A 32 -16.41 3.34 -4.00
C ALA A 32 -16.06 4.38 -5.06
N ARG A 33 -14.82 4.86 -5.03
CA ARG A 33 -14.34 5.84 -6.01
C ARG A 33 -14.42 5.28 -7.42
N ILE A 34 -14.20 3.99 -7.55
CA ILE A 34 -14.25 3.36 -8.87
C ILE A 34 -15.68 3.37 -9.40
N LEU A 35 -16.64 3.03 -8.54
CA LEU A 35 -18.05 3.02 -8.93
C LEU A 35 -18.73 4.38 -8.69
N ALA A 36 -18.05 5.29 -7.99
CA ALA A 36 -18.61 6.61 -7.70
C ALA A 36 -17.51 7.65 -7.51
N ARG A 37 -16.63 7.74 -8.51
CA ARG A 37 -15.51 8.67 -8.48
C ARG A 37 -15.97 10.12 -8.30
N VAL A 38 -17.04 10.48 -8.99
CA VAL A 38 -17.60 11.82 -8.91
C VAL A 38 -19.12 11.79 -9.02
N ILE A 1 17.75 -2.02 -5.64
CA ILE A 1 18.85 -1.10 -6.05
C ILE A 1 19.99 -1.88 -6.73
N VAL A 2 20.79 -2.60 -5.93
CA VAL A 2 21.91 -3.38 -6.48
C VAL A 2 21.39 -4.55 -7.31
N LEU A 3 20.60 -5.42 -6.69
CA LEU A 3 20.02 -6.58 -7.36
C LEU A 3 18.51 -6.38 -7.54
N SER A 4 17.77 -6.29 -6.43
CA SER A 4 16.34 -6.09 -6.46
C SER A 4 15.89 -5.23 -5.27
N LEU A 5 15.64 -5.89 -4.13
CA LEU A 5 15.20 -5.19 -2.92
C LEU A 5 15.03 -6.17 -1.74
N ASP A 6 15.91 -7.17 -1.65
CA ASP A 6 15.86 -8.16 -0.57
C ASP A 6 16.40 -7.56 0.73
N VAL A 7 17.64 -7.08 0.69
CA VAL A 7 18.26 -6.47 1.87
C VAL A 7 17.30 -5.47 2.54
N PRO A 8 16.76 -4.51 1.76
CA PRO A 8 15.81 -3.52 2.29
C PRO A 8 14.38 -4.06 2.38
N ILE A 9 14.26 -5.25 2.96
CA ILE A 9 12.96 -5.87 3.12
C ILE A 9 12.10 -5.05 4.08
N GLY A 10 12.76 -4.29 4.96
CA GLY A 10 12.02 -3.45 5.88
C GLY A 10 11.32 -2.32 5.17
N LEU A 11 11.96 -1.81 4.10
CA LEU A 11 11.40 -0.73 3.31
C LEU A 11 10.07 -1.17 2.68
N LEU A 12 10.00 -2.45 2.30
CA LEU A 12 8.79 -3.00 1.71
C LEU A 12 7.84 -3.52 2.79
N GLN A 13 8.40 -3.87 3.95
CA GLN A 13 7.59 -4.34 5.07
C GLN A 13 6.74 -3.19 5.59
N ILE A 14 7.35 -2.00 5.65
CA ILE A 14 6.64 -0.80 6.10
C ILE A 14 5.47 -0.50 5.18
N LEU A 15 5.69 -0.64 3.87
CA LEU A 15 4.65 -0.40 2.89
C LEU A 15 3.46 -1.35 3.09
N LEU A 16 3.65 -2.37 3.93
CA LEU A 16 2.58 -3.33 4.22
C LEU A 16 2.34 -3.42 5.73
N GLU A 17 2.97 -2.53 6.49
CA GLU A 17 2.81 -2.51 7.93
C GLU A 17 2.08 -1.25 8.38
N GLN A 18 2.63 -0.09 8.00
CA GLN A 18 2.01 1.18 8.35
C GLN A 18 1.06 1.65 7.25
N ALA A 19 1.04 0.90 6.16
CA ALA A 19 0.15 1.21 5.05
C ALA A 19 -1.16 0.44 5.22
N ARG A 20 -1.20 -0.50 6.16
CA ARG A 20 -2.42 -1.28 6.41
C ARG A 20 -3.57 -0.36 6.81
N ALA A 21 -3.41 0.33 7.94
CA ALA A 21 -4.44 1.25 8.42
C ALA A 21 -4.56 2.48 7.51
N ARG A 22 -3.57 2.66 6.63
CA ARG A 22 -3.56 3.77 5.70
C ARG A 22 -4.28 3.40 4.42
N ALA A 23 -4.00 2.20 3.92
CA ALA A 23 -4.63 1.70 2.72
C ALA A 23 -5.99 1.08 3.02
N ALA A 24 -6.20 0.65 4.28
CA ALA A 24 -7.47 0.07 4.66
C ALA A 24 -8.60 1.09 4.51
N ARG A 25 -8.27 2.35 4.77
CA ARG A 25 -9.24 3.44 4.64
C ARG A 25 -9.37 3.87 3.18
N GLU A 26 -8.39 3.48 2.37
CA GLU A 26 -8.38 3.84 0.96
C GLU A 26 -8.94 2.72 0.11
N GLN A 27 -8.59 1.48 0.47
CA GLN A 27 -9.07 0.30 -0.24
C GLN A 27 -10.58 0.31 -0.39
N ALA A 28 -11.26 0.81 0.64
CA ALA A 28 -12.73 0.91 0.62
C ALA A 28 -13.19 2.19 -0.06
N THR A 29 -12.37 3.23 0.08
CA THR A 29 -12.66 4.53 -0.52
C THR A 29 -12.41 4.49 -2.02
N THR A 30 -11.22 4.03 -2.41
CA THR A 30 -10.88 3.93 -3.83
C THR A 30 -11.83 3.00 -4.56
N ASN A 31 -12.17 1.87 -3.92
CA ASN A 31 -13.11 0.92 -4.50
C ASN A 31 -14.39 1.63 -4.87
N ALA A 32 -14.97 2.34 -3.90
CA ALA A 32 -16.19 3.11 -4.12
C ALA A 32 -15.92 4.22 -5.14
N ARG A 33 -14.78 4.88 -5.00
CA ARG A 33 -14.42 5.94 -5.93
C ARG A 33 -14.30 5.39 -7.35
N ILE A 34 -13.82 4.16 -7.46
CA ILE A 34 -13.69 3.52 -8.77
C ILE A 34 -15.06 3.30 -9.41
N LEU A 35 -16.03 2.87 -8.60
CA LEU A 35 -17.39 2.64 -9.08
C LEU A 35 -18.27 3.89 -8.94
N ALA A 36 -17.75 4.91 -8.23
CA ALA A 36 -18.48 6.15 -8.02
C ALA A 36 -17.49 7.29 -7.76
N ARG A 37 -16.60 7.51 -8.74
CA ARG A 37 -15.55 8.53 -8.67
C ARG A 37 -16.05 9.84 -8.04
N VAL A 38 -17.16 10.33 -8.54
CA VAL A 38 -17.75 11.57 -8.04
C VAL A 38 -18.71 11.30 -6.87
N ILE A 1 17.98 -1.19 -6.58
CA ILE A 1 19.34 -0.58 -6.37
C ILE A 1 20.45 -1.52 -6.88
N VAL A 2 20.72 -2.58 -6.13
CA VAL A 2 21.76 -3.54 -6.52
C VAL A 2 21.17 -4.67 -7.37
N LEU A 3 20.32 -5.50 -6.74
CA LEU A 3 19.68 -6.61 -7.46
C LEU A 3 18.19 -6.36 -7.63
N SER A 4 17.46 -6.31 -6.51
CA SER A 4 16.02 -6.07 -6.55
C SER A 4 15.58 -5.18 -5.38
N LEU A 5 15.32 -5.81 -4.22
CA LEU A 5 14.90 -5.08 -3.02
C LEU A 5 14.78 -6.01 -1.79
N ASP A 6 15.65 -7.03 -1.72
CA ASP A 6 15.63 -7.95 -0.60
C ASP A 6 16.26 -7.33 0.65
N VAL A 7 17.50 -6.85 0.51
CA VAL A 7 18.20 -6.20 1.63
C VAL A 7 17.27 -5.19 2.32
N PRO A 8 16.67 -4.25 1.56
CA PRO A 8 15.75 -3.26 2.12
C PRO A 8 14.34 -3.82 2.28
N ILE A 9 14.25 -5.00 2.89
CA ILE A 9 12.98 -5.63 3.12
C ILE A 9 12.12 -4.79 4.08
N GLY A 10 12.79 -3.99 4.90
CA GLY A 10 12.06 -3.11 5.81
C GLY A 10 11.31 -2.05 5.06
N LEU A 11 11.90 -1.57 3.96
CA LEU A 11 11.27 -0.55 3.13
C LEU A 11 9.96 -1.07 2.55
N LEU A 12 9.93 -2.36 2.22
CA LEU A 12 8.73 -2.99 1.69
C LEU A 12 7.84 -3.50 2.81
N GLN A 13 8.43 -3.76 3.98
CA GLN A 13 7.68 -4.21 5.13
C GLN A 13 6.80 -3.08 5.65
N ILE A 14 7.35 -1.86 5.63
CA ILE A 14 6.60 -0.69 6.08
C ILE A 14 5.37 -0.45 5.21
N LEU A 15 5.53 -0.58 3.89
CA LEU A 15 4.41 -0.40 2.98
C LEU A 15 3.30 -1.45 3.23
N LEU A 16 3.61 -2.45 4.06
CA LEU A 16 2.63 -3.48 4.39
C LEU A 16 2.42 -3.58 5.90
N GLU A 17 3.08 -2.71 6.66
CA GLU A 17 2.97 -2.70 8.11
C GLU A 17 2.17 -1.49 8.57
N GLN A 18 2.61 -0.30 8.17
CA GLN A 18 1.91 0.93 8.54
C GLN A 18 0.91 1.34 7.46
N ALA A 19 0.89 0.58 6.36
CA ALA A 19 -0.05 0.84 5.29
C ALA A 19 -1.36 0.08 5.52
N ARG A 20 -1.34 -0.88 6.45
CA ARG A 20 -2.54 -1.65 6.76
C ARG A 20 -3.70 -0.72 7.10
N ALA A 21 -3.55 0.03 8.18
CA ALA A 21 -4.58 0.99 8.61
C ALA A 21 -4.60 2.24 7.72
N ARG A 22 -3.61 2.37 6.84
CA ARG A 22 -3.53 3.50 5.93
C ARG A 22 -4.27 3.18 4.64
N ALA A 23 -4.00 2.00 4.10
CA ALA A 23 -4.65 1.54 2.88
C ALA A 23 -6.07 1.06 3.17
N ALA A 24 -6.34 0.66 4.42
CA ALA A 24 -7.67 0.21 4.80
C ALA A 24 -8.70 1.31 4.58
N ARG A 25 -8.29 2.55 4.77
CA ARG A 25 -9.19 3.68 4.55
C ARG A 25 -9.21 4.09 3.07
N GLU A 26 -8.26 3.56 2.30
CA GLU A 26 -8.18 3.87 0.88
C GLU A 26 -8.77 2.74 0.05
N GLN A 27 -8.52 1.50 0.48
CA GLN A 27 -9.02 0.31 -0.20
C GLN A 27 -10.52 0.43 -0.43
N ALA A 28 -11.22 1.01 0.54
CA ALA A 28 -12.66 1.21 0.44
C ALA A 28 -12.99 2.50 -0.32
N THR A 29 -12.16 3.52 -0.10
CA THR A 29 -12.32 4.80 -0.76
C THR A 29 -12.05 4.68 -2.25
N THR A 30 -10.95 4.00 -2.59
CA THR A 30 -10.60 3.79 -3.99
C THR A 30 -11.62 2.88 -4.66
N ASN A 31 -12.05 1.82 -3.95
CA ASN A 31 -13.05 0.91 -4.47
C ASN A 31 -14.31 1.69 -4.84
N ALA A 32 -14.80 2.50 -3.89
CA ALA A 32 -15.97 3.33 -4.12
C ALA A 32 -15.69 4.32 -5.23
N ARG A 33 -14.48 4.88 -5.24
CA ARG A 33 -14.07 5.83 -6.26
C ARG A 33 -14.09 5.17 -7.64
N ILE A 34 -13.77 3.89 -7.69
CA ILE A 34 -13.78 3.18 -8.96
C ILE A 34 -15.20 3.07 -9.51
N LEU A 35 -16.15 2.70 -8.65
CA LEU A 35 -17.55 2.60 -9.06
C LEU A 35 -18.30 3.93 -8.91
N ALA A 36 -17.67 4.91 -8.24
CA ALA A 36 -18.28 6.21 -8.03
C ALA A 36 -17.21 7.25 -7.71
N ARG A 37 -16.29 7.44 -8.65
CA ARG A 37 -15.18 8.37 -8.51
C ARG A 37 -15.60 9.76 -8.05
N VAL A 38 -16.83 10.15 -8.35
CA VAL A 38 -17.34 11.46 -7.94
C VAL A 38 -17.36 11.59 -6.41
N ILE A 1 13.22 -6.70 -9.67
CA ILE A 1 12.94 -5.70 -10.75
C ILE A 1 14.20 -4.96 -11.15
N VAL A 2 14.75 -4.14 -10.25
CA VAL A 2 15.97 -3.38 -10.54
C VAL A 2 17.22 -4.15 -10.11
N LEU A 3 17.41 -4.33 -8.80
CA LEU A 3 18.57 -5.04 -8.28
C LEU A 3 18.15 -6.16 -7.33
N SER A 4 18.00 -5.84 -6.04
CA SER A 4 17.60 -6.82 -5.03
C SER A 4 16.49 -6.29 -4.14
N LEU A 5 16.86 -5.34 -3.27
CA LEU A 5 15.91 -4.74 -2.32
C LEU A 5 15.50 -5.74 -1.23
N ASP A 6 16.24 -6.84 -1.10
CA ASP A 6 15.96 -7.85 -0.08
C ASP A 6 16.49 -7.39 1.28
N VAL A 7 17.76 -6.98 1.30
CA VAL A 7 18.38 -6.50 2.54
C VAL A 7 17.43 -5.57 3.30
N PRO A 8 16.91 -4.51 2.62
CA PRO A 8 15.97 -3.58 3.23
C PRO A 8 14.55 -4.12 3.25
N ILE A 9 14.41 -5.35 3.72
CA ILE A 9 13.11 -5.98 3.80
C ILE A 9 12.19 -5.21 4.75
N GLY A 10 12.79 -4.52 5.71
CA GLY A 10 12.01 -3.73 6.64
C GLY A 10 11.47 -2.49 5.97
N LEU A 11 12.29 -1.87 5.12
CA LEU A 11 11.87 -0.68 4.38
C LEU A 11 10.64 -0.99 3.54
N LEU A 12 10.62 -2.19 2.96
CA LEU A 12 9.49 -2.61 2.14
C LEU A 12 8.37 -3.21 2.99
N GLN A 13 8.73 -3.79 4.15
CA GLN A 13 7.76 -4.35 5.07
C GLN A 13 6.90 -3.24 5.63
N ILE A 14 7.52 -2.10 5.91
CA ILE A 14 6.81 -0.94 6.43
C ILE A 14 5.68 -0.54 5.48
N LEU A 15 5.94 -0.63 4.17
CA LEU A 15 4.94 -0.30 3.16
C LEU A 15 3.73 -1.23 3.25
N LEU A 16 3.87 -2.33 4.02
CA LEU A 16 2.76 -3.27 4.20
C LEU A 16 2.43 -3.45 5.68
N GLU A 17 3.07 -2.63 6.54
CA GLU A 17 2.84 -2.68 7.97
C GLU A 17 2.11 -1.43 8.44
N GLN A 18 2.68 -0.26 8.15
CA GLN A 18 2.05 1.00 8.53
C GLN A 18 1.12 1.50 7.44
N ALA A 19 1.13 0.81 6.30
CA ALA A 19 0.26 1.14 5.19
C ALA A 19 -1.05 0.37 5.31
N ARG A 20 -1.10 -0.62 6.22
CA ARG A 20 -2.32 -1.41 6.44
C ARG A 20 -3.49 -0.51 6.80
N ALA A 21 -3.41 0.12 7.97
CA ALA A 21 -4.47 1.02 8.42
C ALA A 21 -4.57 2.26 7.53
N ARG A 22 -3.54 2.50 6.72
CA ARG A 22 -3.52 3.62 5.82
C ARG A 22 -4.22 3.26 4.52
N ALA A 23 -3.81 2.16 3.92
CA ALA A 23 -4.42 1.68 2.68
C ALA A 23 -5.79 1.04 2.96
N ALA A 24 -6.07 0.71 4.22
CA ALA A 24 -7.36 0.12 4.57
C ALA A 24 -8.48 1.09 4.25
N ARG A 25 -8.22 2.37 4.49
CA ARG A 25 -9.22 3.40 4.18
C ARG A 25 -9.21 3.69 2.69
N GLU A 26 -8.11 3.35 2.05
CA GLU A 26 -7.95 3.54 0.62
C GLU A 26 -8.65 2.43 -0.13
N GLN A 27 -8.35 1.21 0.28
CA GLN A 27 -8.95 0.01 -0.31
C GLN A 27 -10.46 0.11 -0.36
N ALA A 28 -11.04 0.78 0.65
CA ALA A 28 -12.48 0.96 0.72
C ALA A 28 -12.92 2.18 -0.09
N THR A 29 -12.09 3.21 -0.08
CA THR A 29 -12.37 4.44 -0.82
C THR A 29 -12.10 4.27 -2.32
N THR A 30 -10.94 3.70 -2.65
CA THR A 30 -10.57 3.48 -4.05
C THR A 30 -11.58 2.58 -4.76
N ASN A 31 -12.00 1.51 -4.09
CA ASN A 31 -12.98 0.60 -4.65
C ASN A 31 -14.25 1.35 -5.03
N ALA A 32 -14.71 2.21 -4.11
CA ALA A 32 -15.89 3.03 -4.35
C ALA A 32 -15.59 4.14 -5.35
N ARG A 33 -14.37 4.68 -5.30
CA ARG A 33 -13.94 5.73 -6.21
C ARG A 33 -14.05 5.27 -7.66
N ILE A 34 -13.83 3.98 -7.88
CA ILE A 34 -13.91 3.41 -9.23
C ILE A 34 -15.36 3.43 -9.73
N LEU A 35 -16.29 3.06 -8.84
CA LEU A 35 -17.71 3.04 -9.20
C LEU A 35 -18.40 4.37 -8.85
N ALA A 36 -17.72 5.24 -8.11
CA ALA A 36 -18.30 6.53 -7.72
C ALA A 36 -17.24 7.63 -7.67
N ARG A 37 -16.45 7.72 -8.74
CA ARG A 37 -15.38 8.72 -8.85
C ARG A 37 -15.86 10.12 -8.44
N VAL A 38 -17.00 10.51 -8.97
CA VAL A 38 -17.59 11.81 -8.67
C VAL A 38 -19.12 11.72 -8.62
N ILE A 1 13.15 -7.82 -7.55
CA ILE A 1 12.38 -7.14 -8.65
C ILE A 1 13.33 -6.47 -9.65
N VAL A 2 14.05 -5.43 -9.20
CA VAL A 2 14.98 -4.71 -10.07
C VAL A 2 16.40 -5.28 -9.95
N LEU A 3 17.04 -5.07 -8.80
CA LEU A 3 18.40 -5.56 -8.58
C LEU A 3 18.48 -6.45 -7.33
N SER A 4 18.48 -5.82 -6.15
CA SER A 4 18.56 -6.56 -4.89
C SER A 4 17.40 -6.20 -3.96
N LEU A 5 17.44 -4.98 -3.40
CA LEU A 5 16.43 -4.49 -2.46
C LEU A 5 16.09 -5.52 -1.37
N ASP A 6 17.05 -6.40 -1.07
CA ASP A 6 16.87 -7.42 -0.04
C ASP A 6 17.21 -6.86 1.34
N VAL A 7 18.39 -6.25 1.45
CA VAL A 7 18.84 -5.65 2.71
C VAL A 7 17.73 -4.77 3.31
N PRO A 8 17.17 -3.83 2.51
CA PRO A 8 16.10 -2.95 2.97
C PRO A 8 14.73 -3.60 2.87
N ILE A 9 14.64 -4.83 3.35
CA ILE A 9 13.39 -5.55 3.35
C ILE A 9 12.38 -4.86 4.27
N GLY A 10 12.90 -4.13 5.27
CA GLY A 10 12.04 -3.41 6.19
C GLY A 10 11.33 -2.28 5.49
N LEU A 11 12.02 -1.64 4.55
CA LEU A 11 11.45 -0.53 3.78
C LEU A 11 10.18 -0.99 3.06
N LEU A 12 10.20 -2.24 2.61
CA LEU A 12 9.05 -2.83 1.92
C LEU A 12 8.07 -3.44 2.91
N GLN A 13 8.58 -3.90 4.06
CA GLN A 13 7.75 -4.48 5.09
C GLN A 13 6.85 -3.41 5.68
N ILE A 14 7.40 -2.20 5.84
CA ILE A 14 6.63 -1.08 6.37
C ILE A 14 5.46 -0.76 5.45
N LEU A 15 5.71 -0.83 4.14
CA LEU A 15 4.67 -0.57 3.15
C LEU A 15 3.55 -1.61 3.23
N LEU A 16 3.75 -2.67 4.01
CA LEU A 16 2.74 -3.70 4.18
C LEU A 16 2.43 -3.93 5.67
N GLU A 17 3.06 -3.14 6.53
CA GLU A 17 2.85 -3.23 7.97
C GLU A 17 2.02 -2.07 8.48
N GLN A 18 2.48 -0.85 8.20
CA GLN A 18 1.75 0.33 8.64
C GLN A 18 0.84 0.86 7.53
N ALA A 19 0.90 0.22 6.37
CA ALA A 19 0.05 0.58 5.25
C ALA A 19 -1.32 -0.08 5.39
N ARG A 20 -1.39 -1.14 6.19
CA ARG A 20 -2.64 -1.86 6.43
C ARG A 20 -3.75 -0.88 6.83
N ALA A 21 -3.59 -0.28 8.01
CA ALA A 21 -4.57 0.69 8.51
C ALA A 21 -4.57 1.99 7.71
N ARG A 22 -3.59 2.16 6.82
CA ARG A 22 -3.50 3.35 5.99
C ARG A 22 -4.26 3.13 4.69
N ALA A 23 -4.00 1.99 4.05
CA ALA A 23 -4.69 1.63 2.82
C ALA A 23 -6.09 1.12 3.12
N ALA A 24 -6.36 0.76 4.38
CA ALA A 24 -7.68 0.29 4.76
C ALA A 24 -8.72 1.37 4.53
N ARG A 25 -8.34 2.62 4.78
CA ARG A 25 -9.25 3.74 4.55
C ARG A 25 -9.32 4.08 3.06
N GLU A 26 -8.32 3.63 2.32
CA GLU A 26 -8.22 3.90 0.90
C GLU A 26 -8.87 2.77 0.09
N GLN A 27 -8.62 1.54 0.52
CA GLN A 27 -9.17 0.37 -0.15
C GLN A 27 -10.68 0.47 -0.30
N ALA A 28 -11.33 1.09 0.68
CA ALA A 28 -12.78 1.26 0.66
C ALA A 28 -13.16 2.53 -0.11
N THR A 29 -12.37 3.58 0.09
CA THR A 29 -12.60 4.86 -0.56
C THR A 29 -12.27 4.77 -2.05
N THR A 30 -11.13 4.16 -2.37
CA THR A 30 -10.73 4.00 -3.77
C THR A 30 -11.70 3.07 -4.49
N ASN A 31 -12.11 1.97 -3.83
CA ASN A 31 -13.07 1.05 -4.42
C ASN A 31 -14.30 1.83 -4.86
N ALA A 32 -14.82 2.64 -3.94
CA ALA A 32 -15.97 3.48 -4.24
C ALA A 32 -15.62 4.50 -5.32
N ARG A 33 -14.42 5.06 -5.21
CA ARG A 33 -13.94 6.03 -6.19
C ARG A 33 -13.83 5.38 -7.57
N ILE A 34 -13.46 4.11 -7.59
CA ILE A 34 -13.34 3.38 -8.85
C ILE A 34 -14.70 3.14 -9.48
N LEU A 35 -15.69 2.82 -8.65
CA LEU A 35 -17.06 2.58 -9.11
C LEU A 35 -17.89 3.87 -9.13
N ALA A 36 -17.38 4.95 -8.50
CA ALA A 36 -18.07 6.22 -8.45
C ALA A 36 -17.10 7.35 -8.14
N ARG A 37 -16.12 7.52 -9.01
CA ARG A 37 -15.09 8.54 -8.85
C ARG A 37 -15.68 9.88 -8.45
N VAL A 38 -16.52 10.43 -9.32
CA VAL A 38 -17.18 11.72 -9.11
C VAL A 38 -16.19 12.89 -9.02
#